data_9CX5
#
_entry.id   9CX5
#
_cell.length_a   94.917
_cell.length_b   94.917
_cell.length_c   220.297
_cell.angle_alpha   90.00
_cell.angle_beta   90.00
_cell.angle_gamma   120.00
#
_symmetry.space_group_name_H-M   'P 32 2 1'
#
_entity_poly.entity_id   1
_entity_poly.type   'polypeptide(L)'
_entity_poly.pdbx_seq_one_letter_code
;FVVRDIRVNGLVRLTPANVYT(MSE)LPINSGDRVNEP(MSE)IAEAIRTLYATGLFDDIKASKENDTLVFNVIERPIIS
KLEFKGNKLIPKEALEQGLKK(MSE)GIAEGEVFKKSALQTIETELEQQYTQQGRYDADVTVDTVARPNNRVELKINFNE
GTPAKVFDINVIGNTVFKDSEIKQAFAVKESGWASVVTRNDRYAREK(MSE)AASLEALRA(MSE)YLNKGYINFNINNS
QLNISEDKKHIFIEVAVDEGSQFKFGQTKFLGDALYKPEELQALKIYKDGDTYSQEKVNAVKQLLLRKYGNAGYYFADVN
IVPQINNETGVVDLNYYVNPGQQVTVRRIN
;
_entity_poly.pdbx_strand_id   A,B
#
# COMPACT_ATOMS: atom_id res chain seq x y z
N PHE A 1 20.87 -17.65 39.86
CA PHE A 1 19.93 -18.15 40.85
C PHE A 1 19.88 -17.20 42.05
N VAL A 2 20.04 -17.75 43.26
CA VAL A 2 19.92 -16.98 44.50
C VAL A 2 20.81 -15.74 44.46
N VAL A 3 20.20 -14.57 44.64
CA VAL A 3 20.88 -13.29 44.52
C VAL A 3 21.36 -12.84 45.89
N ARG A 4 22.68 -12.66 46.03
CA ARG A 4 23.23 -12.10 47.25
C ARG A 4 23.24 -10.58 47.25
N ASP A 5 23.29 -9.96 46.07
CA ASP A 5 23.31 -8.51 45.95
C ASP A 5 22.74 -8.14 44.59
N ILE A 6 22.22 -6.92 44.50
CA ILE A 6 21.72 -6.38 43.24
C ILE A 6 22.45 -5.08 42.94
N ARG A 7 22.94 -4.93 41.71
CA ARG A 7 23.64 -3.75 41.24
C ARG A 7 22.99 -3.24 39.96
N VAL A 8 22.96 -1.92 39.81
CA VAL A 8 22.35 -1.27 38.66
C VAL A 8 23.30 -0.21 38.13
N ASN A 9 23.79 -0.40 36.91
CA ASN A 9 24.67 0.55 36.25
C ASN A 9 23.92 1.27 35.14
N GLY A 10 24.25 2.54 34.96
CA GLY A 10 23.70 3.35 33.90
C GLY A 10 22.80 4.47 34.36
N LEU A 11 22.47 4.53 35.65
CA LEU A 11 21.55 5.55 36.14
C LEU A 11 22.22 6.91 36.18
N VAL A 12 21.48 7.94 35.77
CA VAL A 12 21.95 9.32 35.76
C VAL A 12 21.05 10.23 36.60
N ARG A 13 19.75 10.22 36.30
CA ARG A 13 18.78 10.94 37.13
C ARG A 13 18.02 10.01 38.05
N LEU A 14 17.68 8.80 37.59
CA LEU A 14 17.05 7.83 38.48
C LEU A 14 18.04 7.40 39.55
N THR A 15 17.55 7.26 40.77
CA THR A 15 18.25 6.95 41.99
C THR A 15 18.23 5.44 42.24
N PRO A 16 19.31 4.89 42.82
CA PRO A 16 19.33 3.45 43.09
C PRO A 16 18.16 2.96 43.92
N ALA A 17 17.78 3.73 44.94
CA ALA A 17 16.61 3.39 45.77
C ALA A 17 15.34 3.29 44.94
N ASN A 18 15.16 4.21 43.98
CA ASN A 18 13.94 4.20 43.16
C ASN A 18 13.86 2.91 42.36
N VAL A 19 14.96 2.54 41.69
CA VAL A 19 14.96 1.35 40.85
C VAL A 19 14.85 0.09 41.69
N TYR A 20 15.46 0.08 42.88
CA TYR A 20 15.31 -1.07 43.77
C TYR A 20 13.86 -1.22 44.22
N THR A 21 13.18 -0.10 44.44
CA THR A 21 11.76 -0.15 44.80
C THR A 21 10.93 -0.74 43.66
N LEU A 23 11.80 -2.65 41.36
CA LEU A 23 12.22 -3.96 40.85
C LEU A 23 11.47 -5.05 41.61
N PRO A 24 10.86 -6.00 40.90
CA PRO A 24 10.16 -7.11 41.59
C PRO A 24 11.11 -8.14 42.18
N ILE A 25 12.37 -8.17 41.77
CA ILE A 25 13.36 -9.08 42.33
C ILE A 25 14.07 -8.38 43.47
N ASN A 26 14.23 -9.08 44.60
CA ASN A 26 14.91 -8.54 45.76
C ASN A 26 16.12 -9.39 46.11
N SER A 27 17.09 -8.75 46.76
CA SER A 27 18.29 -9.44 47.21
C SER A 27 17.94 -10.51 48.23
N GLY A 28 18.19 -11.77 47.89
CA GLY A 28 17.88 -12.89 48.77
C GLY A 28 16.84 -13.85 48.24
N ASP A 29 16.29 -13.63 47.04
CA ASP A 29 15.31 -14.52 46.45
C ASP A 29 15.98 -15.48 45.48
N ARG A 30 15.37 -16.66 45.31
CA ARG A 30 15.83 -17.62 44.32
C ARG A 30 15.14 -17.29 43.00
N VAL A 31 15.92 -16.85 42.02
CA VAL A 31 15.39 -16.34 40.77
C VAL A 31 15.81 -17.24 39.63
N ASN A 32 14.99 -17.26 38.58
CA ASN A 32 15.30 -17.94 37.33
C ASN A 32 15.16 -16.94 36.20
N GLU A 33 15.61 -17.36 35.01
CA GLU A 33 15.59 -16.46 33.86
C GLU A 33 14.20 -15.91 33.53
N PRO A 34 13.11 -16.69 33.57
CA PRO A 34 11.79 -16.08 33.33
C PRO A 34 11.46 -14.94 34.28
N ILE A 36 13.53 -13.04 35.84
CA ILE A 36 14.40 -11.90 35.54
C ILE A 36 13.89 -11.13 34.33
N ALA A 37 13.45 -11.85 33.29
CA ALA A 37 12.87 -11.17 32.13
C ALA A 37 11.57 -10.46 32.49
N GLU A 38 10.78 -11.06 33.38
CA GLU A 38 9.56 -10.42 33.84
C GLU A 38 9.85 -9.14 34.63
N ALA A 39 10.90 -9.17 35.45
CA ALA A 39 11.32 -7.96 36.15
C ALA A 39 11.77 -6.89 35.15
N ILE A 40 12.44 -7.31 34.07
CA ILE A 40 12.84 -6.36 33.05
C ILE A 40 11.61 -5.75 32.37
N ARG A 41 10.58 -6.56 32.14
CA ARG A 41 9.34 -6.03 31.57
C ARG A 41 8.68 -5.03 32.51
N THR A 42 8.68 -5.34 33.82
CA THR A 42 8.13 -4.38 34.79
C THR A 42 8.90 -3.07 34.77
N LEU A 43 10.23 -3.14 34.67
CA LEU A 43 11.03 -1.92 34.62
C LEU A 43 10.79 -1.16 33.32
N TYR A 44 10.59 -1.87 32.21
CA TYR A 44 10.28 -1.22 30.95
C TYR A 44 8.93 -0.51 31.02
N ALA A 45 7.96 -1.09 31.74
CA ALA A 45 6.62 -0.53 31.82
C ALA A 45 6.59 0.88 32.39
N THR A 46 7.66 1.30 33.09
CA THR A 46 7.75 2.66 33.60
C THR A 46 8.05 3.68 32.51
N GLY A 47 8.47 3.23 31.33
CA GLY A 47 8.78 4.14 30.25
C GLY A 47 9.99 5.02 30.45
N LEU A 48 10.82 4.74 31.46
CA LEU A 48 11.97 5.58 31.77
C LEU A 48 13.24 5.13 31.06
N PHE A 49 13.29 3.91 30.51
CA PHE A 49 14.51 3.32 29.98
C PHE A 49 14.37 3.02 28.50
N ASP A 50 15.45 3.29 27.74
CA ASP A 50 15.50 2.88 26.35
C ASP A 50 15.95 1.42 26.20
N ASP A 51 16.72 0.92 27.16
CA ASP A 51 17.23 -0.45 27.10
C ASP A 51 17.57 -0.93 28.50
N ILE A 52 17.34 -2.21 28.75
CA ILE A 52 17.69 -2.86 30.00
C ILE A 52 18.27 -4.23 29.69
N LYS A 53 19.44 -4.55 30.24
CA LYS A 53 20.05 -5.85 30.06
C LYS A 53 20.48 -6.39 31.42
N ALA A 54 20.15 -7.65 31.68
CA ALA A 54 20.44 -8.30 32.95
C ALA A 54 21.53 -9.34 32.77
N SER A 55 22.50 -9.35 33.69
CA SER A 55 23.59 -10.31 33.68
C SER A 55 23.84 -10.77 35.10
N LYS A 56 24.64 -11.82 35.22
CA LYS A 56 24.92 -12.44 36.52
C LYS A 56 26.42 -12.49 36.75
N GLU A 57 27.10 -11.34 36.76
CA GLU A 57 28.52 -11.32 37.14
C GLU A 57 28.79 -11.55 38.62
N ASN A 58 28.11 -12.52 39.26
CA ASN A 58 28.56 -13.26 40.44
C ASN A 58 27.29 -13.89 40.99
N ASP A 59 27.30 -14.27 42.27
CA ASP A 59 26.02 -14.56 42.89
C ASP A 59 25.17 -13.28 43.12
N THR A 60 25.48 -12.23 42.35
CA THR A 60 24.81 -10.93 42.39
C THR A 60 24.25 -10.55 41.02
N LEU A 61 23.00 -10.08 40.99
CA LEU A 61 22.35 -9.67 39.74
C LEU A 61 22.71 -8.25 39.33
N VAL A 62 23.14 -8.07 38.08
CA VAL A 62 23.54 -6.77 37.55
C VAL A 62 22.58 -6.36 36.44
N PHE A 63 22.10 -5.11 36.50
CA PHE A 63 21.24 -4.53 35.47
C PHE A 63 21.96 -3.35 34.84
N ASN A 64 22.32 -3.46 33.56
CA ASN A 64 22.88 -2.35 32.80
C ASN A 64 21.75 -1.72 32.00
N VAL A 65 21.41 -0.48 32.35
CA VAL A 65 20.26 0.19 31.75
C VAL A 65 20.72 1.46 31.05
N ILE A 66 19.86 1.95 30.17
CA ILE A 66 20.04 3.22 29.48
C ILE A 66 18.85 4.09 29.80
N GLU A 67 19.07 5.13 30.59
CA GLU A 67 17.99 6.01 31.01
C GLU A 67 17.65 6.98 29.88
N ARG A 68 16.37 7.08 29.55
CA ARG A 68 15.97 8.01 28.50
C ARG A 68 16.13 9.46 28.99
N PRO A 69 16.65 10.34 28.15
CA PRO A 69 16.86 11.73 28.57
C PRO A 69 15.55 12.47 28.75
N ILE A 70 15.64 13.62 29.42
CA ILE A 70 14.50 14.51 29.64
C ILE A 70 14.64 15.68 28.68
N ILE A 71 13.57 16.02 27.98
CA ILE A 71 13.63 17.11 27.02
C ILE A 71 13.82 18.41 27.78
N SER A 72 15.03 18.97 27.69
CA SER A 72 15.33 20.25 28.34
C SER A 72 14.98 21.45 27.49
N LYS A 73 15.06 21.34 26.16
CA LYS A 73 14.84 22.48 25.29
C LYS A 73 14.22 22.00 23.98
N LEU A 74 13.24 22.77 23.50
CA LEU A 74 12.54 22.50 22.25
C LEU A 74 12.38 23.82 21.50
N GLU A 75 13.03 23.94 20.35
CA GLU A 75 13.00 25.17 19.59
C GLU A 75 12.60 24.90 18.14
N PHE A 76 12.02 25.93 17.52
CA PHE A 76 11.57 25.88 16.13
C PHE A 76 12.39 26.90 15.34
N LYS A 77 13.01 26.43 14.24
CA LYS A 77 13.99 27.20 13.49
C LYS A 77 13.59 27.25 12.03
N GLY A 78 13.55 28.45 11.45
CA GLY A 78 13.15 28.60 10.06
C GLY A 78 11.69 28.26 9.86
N ASN A 79 10.88 28.48 10.87
CA ASN A 79 9.45 28.21 10.83
C ASN A 79 8.67 29.51 10.71
N LYS A 80 7.81 29.59 9.68
CA LYS A 80 7.07 30.81 9.44
C LYS A 80 5.58 30.60 9.20
N LEU A 81 5.21 29.55 8.45
CA LEU A 81 3.80 29.38 8.07
C LEU A 81 2.94 29.01 9.28
N ILE A 82 3.34 28.00 10.03
CA ILE A 82 2.68 27.62 11.27
C ILE A 82 3.48 28.24 12.42
N PRO A 83 2.83 28.92 13.36
CA PRO A 83 3.59 29.58 14.43
C PRO A 83 4.08 28.60 15.48
N LYS A 84 5.03 29.06 16.30
CA LYS A 84 5.62 28.20 17.32
C LYS A 84 4.55 27.61 18.24
N GLU A 85 3.46 28.35 18.49
CA GLU A 85 2.43 27.87 19.41
C GLU A 85 1.70 26.65 18.86
N ALA A 86 1.30 26.71 17.59
CA ALA A 86 0.56 25.61 16.99
C ALA A 86 1.41 24.34 16.90
N LEU A 87 2.69 24.50 16.56
CA LEU A 87 3.59 23.34 16.54
C LEU A 87 3.82 22.81 17.95
N GLU A 88 3.92 23.70 18.94
CA GLU A 88 3.98 23.26 20.34
C GLU A 88 2.78 22.39 20.67
N GLN A 89 1.58 22.84 20.27
CA GLN A 89 0.37 22.08 20.58
C GLN A 89 0.38 20.73 19.85
N GLY A 90 0.80 20.73 18.59
CA GLY A 90 0.86 19.47 17.86
C GLY A 90 1.83 18.48 18.46
N LEU A 91 2.99 18.96 18.90
CA LEU A 91 4.00 18.08 19.50
C LEU A 91 3.61 17.64 20.91
N LYS A 92 2.88 18.48 21.64
CA LYS A 92 2.55 18.18 23.03
C LYS A 92 1.71 16.93 23.16
N LYS A 93 0.94 16.57 22.12
CA LYS A 93 0.06 15.42 22.26
C LYS A 93 0.80 14.09 22.10
N GLY A 95 3.65 13.59 23.23
CA GLY A 95 4.59 13.52 24.33
C GLY A 95 5.90 14.24 24.11
N ILE A 96 5.98 15.14 23.14
CA ILE A 96 7.19 15.88 22.86
C ILE A 96 7.00 17.29 23.39
N ALA A 97 7.58 17.57 24.56
CA ALA A 97 7.56 18.89 25.17
C ALA A 97 8.65 18.93 26.23
N GLU A 98 8.95 20.15 26.69
CA GLU A 98 9.96 20.31 27.72
C GLU A 98 9.50 19.63 29.02
N GLY A 99 10.38 18.83 29.61
CA GLY A 99 10.07 18.13 30.83
C GLY A 99 9.53 16.73 30.65
N GLU A 100 9.51 16.21 29.43
CA GLU A 100 8.98 14.89 29.14
C GLU A 100 10.10 13.94 28.77
N VAL A 101 9.85 12.65 28.96
CA VAL A 101 10.82 11.62 28.61
C VAL A 101 10.91 11.55 27.09
N PHE A 102 12.12 11.72 26.57
CA PHE A 102 12.37 11.64 25.13
C PHE A 102 12.63 10.18 24.72
N LYS A 103 11.64 9.54 24.11
CA LYS A 103 11.85 8.17 23.66
C LYS A 103 12.76 8.19 22.44
N LYS A 104 13.67 7.20 22.37
CA LYS A 104 14.54 7.08 21.20
C LYS A 104 13.75 6.77 19.94
N SER A 105 12.79 5.85 20.02
CA SER A 105 12.01 5.45 18.86
C SER A 105 10.85 6.41 18.57
N ALA A 106 11.13 7.71 18.65
CA ALA A 106 10.15 8.79 18.52
C ALA A 106 10.44 9.74 17.36
N LEU A 107 11.70 9.88 16.95
CA LEU A 107 12.09 10.87 15.94
C LEU A 107 11.26 10.76 14.66
N GLN A 108 11.10 9.55 14.15
CA GLN A 108 10.39 9.37 12.88
C GLN A 108 8.96 9.90 12.97
N THR A 109 8.26 9.64 14.07
CA THR A 109 6.87 10.09 14.17
C THR A 109 6.79 11.60 14.41
N ILE A 110 7.75 12.18 15.14
CA ILE A 110 7.83 13.64 15.25
C ILE A 110 7.87 14.27 13.87
N GLU A 111 8.84 13.85 13.05
CA GLU A 111 8.97 14.41 11.71
C GLU A 111 7.73 14.13 10.87
N THR A 112 7.18 12.91 10.98
CA THR A 112 6.02 12.53 10.18
C THR A 112 4.81 13.40 10.50
N GLU A 113 4.53 13.60 11.79
CA GLU A 113 3.32 14.34 12.16
C GLU A 113 3.48 15.83 11.87
N LEU A 114 4.68 16.39 12.09
CA LEU A 114 4.84 17.79 11.72
C LEU A 114 4.76 17.97 10.21
N GLU A 115 5.22 16.97 9.44
CA GLU A 115 5.13 17.07 7.99
C GLU A 115 3.69 16.90 7.51
N GLN A 116 2.89 16.09 8.21
CA GLN A 116 1.46 16.02 7.93
C GLN A 116 0.79 17.35 8.26
N GLN A 117 1.16 17.96 9.39
CA GLN A 117 0.63 19.29 9.72
C GLN A 117 0.94 20.29 8.63
N TYR A 118 2.10 20.16 7.98
CA TYR A 118 2.40 21.04 6.85
C TYR A 118 1.67 20.64 5.57
N THR A 119 1.46 19.34 5.35
CA THR A 119 0.72 18.91 4.16
C THR A 119 -0.77 19.20 4.28
N GLN A 120 -1.24 19.62 5.45
CA GLN A 120 -2.62 20.08 5.60
C GLN A 120 -2.77 21.56 5.32
N GLN A 121 -1.70 22.23 4.87
CA GLN A 121 -1.75 23.63 4.47
C GLN A 121 -1.13 23.83 3.09
N GLY A 122 -1.07 22.78 2.27
CA GLY A 122 -0.61 22.89 0.90
C GLY A 122 0.85 22.57 0.68
N ARG A 123 1.62 22.39 1.76
CA ARG A 123 3.07 22.17 1.63
C ARG A 123 3.34 20.67 1.69
N TYR A 124 3.27 20.01 0.53
CA TYR A 124 3.56 18.60 0.41
C TYR A 124 5.05 18.33 0.24
N ASP A 125 5.83 19.38 -0.01
CA ASP A 125 7.27 19.30 -0.17
C ASP A 125 8.02 19.83 1.05
N ALA A 126 7.30 20.12 2.13
CA ALA A 126 7.94 20.58 3.35
C ALA A 126 8.76 19.46 3.95
N ASP A 127 9.97 19.79 4.40
CA ASP A 127 10.82 18.81 5.06
C ASP A 127 11.26 19.36 6.40
N VAL A 128 10.96 18.59 7.45
CA VAL A 128 11.33 18.90 8.82
C VAL A 128 12.36 17.89 9.29
N THR A 129 13.35 18.35 10.05
CA THR A 129 14.34 17.45 10.62
C THR A 129 14.73 17.93 12.01
N VAL A 130 14.72 17.02 12.98
CA VAL A 130 15.00 17.35 14.38
C VAL A 130 16.34 16.71 14.77
N ASP A 131 17.22 17.52 15.34
CA ASP A 131 18.53 17.10 15.83
C ASP A 131 18.53 17.05 17.36
N THR A 132 19.24 16.06 17.90
CA THR A 132 19.31 15.85 19.35
C THR A 132 20.65 16.31 19.91
N VAL A 133 20.59 17.18 20.93
CA VAL A 133 21.75 17.71 21.62
C VAL A 133 21.80 17.13 23.04
N ALA A 134 22.99 16.73 23.48
CA ALA A 134 23.17 16.19 24.82
C ALA A 134 23.47 17.29 25.85
N ARG A 135 23.05 17.04 27.08
CA ARG A 135 23.27 17.91 28.22
C ARG A 135 23.57 17.04 29.45
N PRO A 136 24.18 17.63 30.52
CA PRO A 136 24.79 16.79 31.57
C PRO A 136 23.88 15.80 32.28
N ASN A 137 22.82 16.27 32.93
CA ASN A 137 21.99 15.39 33.75
C ASN A 137 21.03 14.57 32.91
N ASN A 138 21.57 13.89 31.89
CA ASN A 138 20.80 13.07 30.96
C ASN A 138 19.59 13.84 30.45
N ARG A 139 19.88 14.99 29.85
CA ARG A 139 18.89 15.84 29.22
C ARG A 139 19.25 16.02 27.75
N VAL A 140 18.24 16.41 26.97
CA VAL A 140 18.38 16.49 25.52
C VAL A 140 17.66 17.75 25.03
N GLU A 141 18.33 18.51 24.17
CA GLU A 141 17.78 19.68 23.51
C GLU A 141 17.39 19.29 22.09
N LEU A 142 16.20 19.71 21.67
CA LEU A 142 15.65 19.32 20.37
C LEU A 142 15.71 20.52 19.44
N LYS A 143 16.40 20.35 18.31
CA LYS A 143 16.59 21.37 17.29
C LYS A 143 15.76 20.98 16.08
N ILE A 144 14.57 21.56 15.93
CA ILE A 144 13.66 21.20 14.85
C ILE A 144 13.77 22.25 13.74
N ASN A 145 14.33 21.86 12.58
CA ASN A 145 14.41 22.73 11.42
C ASN A 145 13.32 22.40 10.40
N PHE A 146 12.74 23.46 9.87
CA PHE A 146 11.67 23.38 8.89
C PHE A 146 12.14 24.08 7.64
N ASN A 147 12.17 23.35 6.52
CA ASN A 147 12.17 23.98 5.22
C ASN A 147 10.74 23.85 4.69
N GLU A 148 10.03 24.98 4.65
CA GLU A 148 8.61 24.99 4.36
C GLU A 148 8.28 24.57 2.93
N GLY A 149 9.24 24.64 2.03
CA GLY A 149 8.98 24.27 0.65
C GLY A 149 8.25 25.38 -0.08
N THR A 150 7.54 24.98 -1.14
CA THR A 150 6.77 25.95 -1.91
C THR A 150 5.29 25.59 -1.86
N PRO A 151 4.40 26.58 -1.80
CA PRO A 151 2.97 26.27 -1.71
C PRO A 151 2.42 25.66 -2.99
N ALA A 152 1.50 24.72 -2.83
CA ALA A 152 0.83 24.09 -3.95
C ALA A 152 -0.03 25.10 -4.69
N LYS A 153 -0.16 24.91 -5.99
CA LYS A 153 -1.07 25.74 -6.78
C LYS A 153 -2.50 25.54 -6.29
N VAL A 154 -3.31 26.59 -6.33
CA VAL A 154 -4.71 26.54 -5.94
C VAL A 154 -5.56 26.37 -7.20
N PHE A 155 -6.40 25.35 -7.21
CA PHE A 155 -7.10 24.91 -8.42
C PHE A 155 -8.58 25.29 -8.39
N ASP A 156 -9.09 25.72 -9.54
CA ASP A 156 -10.52 25.85 -9.76
C ASP A 156 -10.87 25.08 -11.03
N ILE A 157 -11.57 23.97 -10.88
CA ILE A 157 -11.88 23.05 -11.97
C ILE A 157 -13.38 23.10 -12.25
N ASN A 158 -13.73 23.29 -13.52
CA ASN A 158 -15.10 23.52 -13.97
C ASN A 158 -15.47 22.39 -14.92
N VAL A 159 -16.43 21.57 -14.50
CA VAL A 159 -16.79 20.29 -15.10
C VAL A 159 -18.14 20.37 -15.82
N ILE A 160 -18.25 21.30 -16.76
CA ILE A 160 -19.47 21.49 -17.54
C ILE A 160 -19.91 20.20 -18.21
N GLY A 161 -21.13 19.74 -17.91
CA GLY A 161 -21.68 18.56 -18.54
C GLY A 161 -21.85 17.36 -17.63
N ASN A 162 -21.38 17.44 -16.39
CA ASN A 162 -21.40 16.29 -15.49
C ASN A 162 -22.79 16.13 -14.88
N THR A 163 -23.41 14.96 -15.10
CA THR A 163 -24.62 14.59 -14.37
C THR A 163 -24.52 13.24 -13.68
N VAL A 164 -23.39 12.54 -13.81
CA VAL A 164 -23.24 11.18 -13.29
C VAL A 164 -22.45 11.16 -11.99
N PHE A 165 -21.40 11.97 -11.91
CA PHE A 165 -20.49 12.00 -10.79
C PHE A 165 -20.63 13.32 -10.05
N LYS A 166 -20.41 13.31 -8.75
CA LYS A 166 -20.34 14.60 -8.08
C LYS A 166 -18.97 15.23 -8.34
N ASP A 167 -18.92 16.55 -8.20
CA ASP A 167 -17.71 17.29 -8.57
C ASP A 167 -16.50 16.86 -7.74
N SER A 168 -16.73 16.38 -6.52
CA SER A 168 -15.67 15.70 -5.77
C SER A 168 -14.99 14.64 -6.63
N GLU A 169 -15.78 13.69 -7.14
CA GLU A 169 -15.22 12.58 -7.90
C GLU A 169 -14.53 13.05 -9.17
N ILE A 170 -15.12 14.03 -9.85
CA ILE A 170 -14.51 14.54 -11.08
C ILE A 170 -13.16 15.20 -10.78
N LYS A 171 -13.14 16.07 -9.76
CA LYS A 171 -11.90 16.76 -9.40
C LYS A 171 -10.83 15.81 -8.91
N GLN A 172 -11.22 14.63 -8.42
CA GLN A 172 -10.20 13.65 -8.02
C GLN A 172 -9.41 13.12 -9.20
N ALA A 173 -9.91 13.31 -10.43
CA ALA A 173 -9.19 12.82 -11.60
C ALA A 173 -8.05 13.73 -12.00
N PHE A 174 -8.04 14.98 -11.55
CA PHE A 174 -6.94 15.89 -11.85
C PHE A 174 -5.83 15.83 -10.82
N ALA A 175 -6.05 15.13 -9.70
CA ALA A 175 -5.02 14.86 -8.70
C ALA A 175 -4.28 16.13 -8.29
N VAL A 176 -5.04 17.05 -7.69
CA VAL A 176 -4.56 18.41 -7.43
C VAL A 176 -3.58 18.43 -6.27
N LYS A 177 -3.31 17.28 -5.68
CA LYS A 177 -2.40 17.20 -4.54
C LYS A 177 -1.09 16.50 -4.88
N GLU A 178 -0.90 16.08 -6.12
CA GLU A 178 0.37 15.50 -6.52
C GLU A 178 1.31 16.59 -7.05
N SER A 179 2.61 16.30 -7.00
CA SER A 179 3.62 17.33 -7.19
C SER A 179 3.92 17.63 -8.65
N GLY A 180 3.35 16.87 -9.60
CA GLY A 180 3.59 17.17 -11.00
C GLY A 180 3.13 18.56 -11.39
N TRP A 181 2.01 19.01 -10.83
CA TRP A 181 1.52 20.35 -11.09
C TRP A 181 2.53 21.42 -10.69
N ALA A 182 3.50 21.06 -9.85
CA ALA A 182 4.55 22.01 -9.47
C ALA A 182 5.35 22.47 -10.67
N SER A 183 5.56 21.60 -11.66
CA SER A 183 6.40 21.94 -12.80
C SER A 183 5.63 22.67 -13.90
N VAL A 184 4.33 22.90 -13.73
CA VAL A 184 3.50 23.61 -14.69
C VAL A 184 3.75 25.11 -14.49
N VAL A 185 4.51 25.72 -15.39
CA VAL A 185 4.77 27.14 -15.31
C VAL A 185 4.08 27.92 -16.44
N THR A 186 3.82 27.30 -17.58
CA THR A 186 3.06 27.93 -18.66
C THR A 186 1.86 27.06 -19.01
N ARG A 187 0.80 27.71 -19.48
CA ARG A 187 -0.43 27.02 -19.85
C ARG A 187 -0.19 25.94 -20.89
N ASN A 188 0.94 25.98 -21.60
CA ASN A 188 1.18 25.12 -22.75
C ASN A 188 2.55 24.44 -22.73
N ASP A 189 3.24 24.41 -21.60
CA ASP A 189 4.50 23.68 -21.57
C ASP A 189 4.24 22.17 -21.56
N ARG A 190 5.33 21.41 -21.70
CA ARG A 190 5.21 19.95 -21.73
C ARG A 190 4.56 19.41 -20.45
N TYR A 191 4.79 20.07 -19.32
CA TYR A 191 4.28 19.54 -18.06
C TYR A 191 2.77 19.72 -17.95
N ALA A 192 2.26 20.88 -18.36
CA ALA A 192 0.81 21.08 -18.36
C ALA A 192 0.13 20.16 -19.36
N ARG A 193 0.78 19.91 -20.51
CA ARG A 193 0.21 19.02 -21.50
C ARG A 193 0.15 17.59 -20.98
N GLU A 194 1.20 17.13 -20.29
CA GLU A 194 1.18 15.79 -19.73
C GLU A 194 0.15 15.66 -18.61
N LYS A 195 0.07 16.68 -17.74
CA LYS A 195 -0.91 16.64 -16.66
C LYS A 195 -2.34 16.62 -17.19
N ALA A 197 -3.32 15.58 -20.15
CA ALA A 197 -3.54 14.30 -20.82
C ALA A 197 -3.86 13.20 -19.81
N ALA A 198 -3.07 13.12 -18.73
CA ALA A 198 -3.33 12.10 -17.72
C ALA A 198 -4.66 12.33 -17.03
N SER A 199 -5.00 13.60 -16.77
CA SER A 199 -6.26 13.88 -16.09
C SER A 199 -7.46 13.55 -16.96
N LEU A 200 -7.37 13.88 -18.26
CA LEU A 200 -8.45 13.52 -19.16
C LEU A 200 -8.55 12.02 -19.35
N GLU A 201 -7.43 11.30 -19.29
CA GLU A 201 -7.51 9.84 -19.31
C GLU A 201 -8.22 9.33 -18.07
N ALA A 202 -7.92 9.90 -16.90
CA ALA A 202 -8.61 9.46 -15.69
C ALA A 202 -10.10 9.73 -15.75
N LEU A 203 -10.50 10.88 -16.31
CA LEU A 203 -11.91 11.20 -16.46
C LEU A 203 -12.59 10.22 -17.42
N ARG A 204 -11.97 10.00 -18.59
CA ARG A 204 -12.46 9.00 -19.54
C ARG A 204 -12.62 7.65 -18.87
N ALA A 205 -11.64 7.24 -18.06
CA ALA A 205 -11.70 5.93 -17.42
C ALA A 205 -12.87 5.87 -16.44
N TYR A 207 -15.65 7.38 -16.69
CA TYR A 207 -16.90 7.23 -17.44
C TYR A 207 -17.02 5.87 -18.11
N LEU A 208 -15.94 5.40 -18.75
CA LEU A 208 -16.00 4.14 -19.48
C LEU A 208 -16.14 2.94 -18.56
N ASN A 209 -15.64 3.01 -17.33
CA ASN A 209 -15.82 1.91 -16.38
C ASN A 209 -17.22 1.85 -15.81
N LYS A 210 -18.02 2.89 -15.98
CA LYS A 210 -19.40 2.89 -15.53
C LYS A 210 -20.40 2.72 -16.68
N GLY A 211 -19.91 2.43 -17.89
CA GLY A 211 -20.79 2.07 -18.99
C GLY A 211 -21.04 3.15 -20.02
N TYR A 212 -20.47 4.34 -19.86
CA TYR A 212 -20.76 5.44 -20.80
C TYR A 212 -19.81 5.36 -21.98
N ILE A 213 -20.09 4.38 -22.85
CA ILE A 213 -19.20 4.07 -23.95
C ILE A 213 -19.20 5.18 -25.01
N ASN A 214 -20.19 6.07 -24.97
CA ASN A 214 -20.27 7.21 -25.87
C ASN A 214 -19.76 8.50 -25.25
N PHE A 215 -19.17 8.43 -24.06
CA PHE A 215 -18.58 9.61 -23.44
C PHE A 215 -17.57 10.23 -24.39
N ASN A 216 -17.53 11.56 -24.40
CA ASN A 216 -16.54 12.29 -25.20
C ASN A 216 -16.24 13.61 -24.51
N ILE A 217 -14.97 14.02 -24.55
CA ILE A 217 -14.57 15.31 -24.01
C ILE A 217 -14.89 16.35 -25.08
N ASN A 218 -15.71 17.35 -24.72
CA ASN A 218 -16.10 18.34 -25.71
C ASN A 218 -15.04 19.42 -25.87
N ASN A 219 -14.55 19.96 -24.76
CA ASN A 219 -13.40 20.85 -24.85
C ASN A 219 -12.71 20.96 -23.50
N SER A 220 -11.45 21.38 -23.52
CA SER A 220 -10.67 21.51 -22.30
C SER A 220 -9.69 22.65 -22.46
N GLN A 221 -9.46 23.37 -21.38
CA GLN A 221 -8.54 24.50 -21.37
C GLN A 221 -7.88 24.60 -20.00
N LEU A 222 -6.58 24.90 -20.03
CA LEU A 222 -5.78 25.10 -18.82
C LEU A 222 -5.24 26.53 -18.83
N ASN A 223 -5.35 27.21 -17.70
CA ASN A 223 -4.88 28.58 -17.60
C ASN A 223 -4.25 28.78 -16.22
N ILE A 224 -3.14 29.52 -16.17
CA ILE A 224 -2.48 29.86 -14.92
C ILE A 224 -2.41 31.37 -14.80
N SER A 225 -2.81 31.90 -13.65
CA SER A 225 -2.56 33.30 -13.38
C SER A 225 -1.07 33.50 -13.14
N GLU A 226 -0.43 34.31 -13.98
CA GLU A 226 0.99 34.59 -13.77
C GLU A 226 1.22 35.54 -12.61
N ASP A 227 0.14 36.06 -12.05
CA ASP A 227 0.09 36.69 -10.73
C ASP A 227 0.10 35.55 -9.72
N LYS A 228 -0.37 35.80 -8.49
CA LYS A 228 -0.50 34.74 -7.50
C LYS A 228 -0.94 33.45 -8.19
N LYS A 229 -0.21 32.37 -7.92
CA LYS A 229 -0.27 31.19 -8.79
C LYS A 229 -1.51 30.35 -8.51
N HIS A 230 -2.53 30.60 -9.33
CA HIS A 230 -3.78 29.87 -9.35
C HIS A 230 -3.87 29.15 -10.69
N ILE A 231 -4.36 27.91 -10.65
CA ILE A 231 -4.60 27.12 -11.85
C ILE A 231 -6.10 27.00 -12.04
N PHE A 232 -6.58 27.36 -13.22
CA PHE A 232 -7.98 27.24 -13.60
C PHE A 232 -8.08 26.24 -14.75
N ILE A 233 -8.91 25.23 -14.57
CA ILE A 233 -9.11 24.18 -15.56
C ILE A 233 -10.58 24.17 -15.91
N GLU A 234 -10.87 24.06 -17.20
CA GLU A 234 -12.25 23.99 -17.67
C GLU A 234 -12.36 22.83 -18.65
N VAL A 235 -13.22 21.87 -18.33
CA VAL A 235 -13.46 20.75 -19.23
C VAL A 235 -14.96 20.56 -19.37
N ALA A 236 -15.44 20.57 -20.61
CA ALA A 236 -16.83 20.31 -20.98
C ALA A 236 -16.91 18.93 -21.62
N VAL A 237 -17.81 18.10 -21.13
CA VAL A 237 -17.94 16.70 -21.53
C VAL A 237 -19.34 16.43 -22.06
N ASP A 238 -19.44 15.42 -22.93
CA ASP A 238 -20.71 14.90 -23.44
C ASP A 238 -20.79 13.45 -22.99
N GLU A 239 -21.70 13.15 -22.06
CA GLU A 239 -21.70 11.86 -21.40
C GLU A 239 -22.28 10.74 -22.25
N GLY A 240 -23.38 11.00 -22.94
CA GLY A 240 -24.11 9.91 -23.56
C GLY A 240 -24.84 9.08 -22.51
N SER A 241 -25.40 7.96 -22.98
CA SER A 241 -26.17 7.06 -22.13
C SER A 241 -25.31 5.92 -21.61
N GLN A 242 -25.84 5.23 -20.61
CA GLN A 242 -25.20 4.05 -20.05
C GLN A 242 -25.56 2.81 -20.86
N PHE A 243 -24.62 1.87 -20.94
CA PHE A 243 -24.77 0.68 -21.77
C PHE A 243 -24.54 -0.57 -20.95
N LYS A 244 -25.07 -1.68 -21.45
CA LYS A 244 -24.90 -3.00 -20.85
C LYS A 244 -24.14 -3.90 -21.80
N PHE A 245 -23.51 -4.92 -21.24
CA PHE A 245 -22.82 -5.91 -22.05
C PHE A 245 -23.82 -6.73 -22.85
N GLY A 246 -23.47 -7.01 -24.10
CA GLY A 246 -24.25 -7.91 -24.94
C GLY A 246 -23.57 -9.27 -25.04
N GLN A 247 -23.39 -9.76 -26.27
CA GLN A 247 -22.70 -11.01 -26.52
C GLN A 247 -21.20 -10.80 -26.76
N THR A 248 -20.39 -11.63 -26.12
CA THR A 248 -18.95 -11.62 -26.29
C THR A 248 -18.51 -12.84 -27.11
N LYS A 249 -17.73 -12.59 -28.16
CA LYS A 249 -17.18 -13.65 -29.00
C LYS A 249 -15.66 -13.53 -29.04
N PHE A 250 -14.99 -14.68 -29.01
CA PHE A 250 -13.53 -14.77 -29.06
C PHE A 250 -13.14 -15.45 -30.38
N LEU A 251 -12.69 -14.66 -31.35
CA LEU A 251 -12.39 -15.18 -32.68
C LEU A 251 -10.88 -15.26 -32.87
N GLY A 252 -10.47 -15.99 -33.91
CA GLY A 252 -9.07 -16.14 -34.27
C GLY A 252 -8.22 -17.02 -33.37
N ASP A 253 -8.75 -17.48 -32.24
CA ASP A 253 -7.97 -18.27 -31.30
C ASP A 253 -7.91 -19.77 -31.62
N ALA A 254 -6.71 -20.34 -31.44
CA ALA A 254 -6.51 -21.78 -31.52
C ALA A 254 -5.86 -22.33 -30.26
N LEU A 255 -5.59 -21.47 -29.27
CA LEU A 255 -4.99 -21.89 -28.01
C LEU A 255 -6.01 -22.52 -27.06
N TYR A 256 -7.27 -22.06 -27.08
CA TYR A 256 -8.25 -22.47 -26.10
C TYR A 256 -9.21 -23.52 -26.62
N LYS A 257 -9.67 -24.32 -25.73
CA LYS A 257 -10.74 -25.27 -25.85
C LYS A 257 -12.01 -24.62 -25.32
N PRO A 258 -13.16 -24.99 -25.87
CA PRO A 258 -14.41 -24.32 -25.48
C PRO A 258 -14.58 -24.06 -24.00
N GLU A 259 -14.31 -25.07 -23.14
CA GLU A 259 -14.55 -24.86 -21.71
C GLU A 259 -13.54 -23.86 -21.14
N GLU A 260 -12.28 -23.93 -21.57
CA GLU A 260 -11.28 -23.00 -21.11
C GLU A 260 -11.63 -21.55 -21.43
N LEU A 261 -12.52 -21.31 -22.39
CA LEU A 261 -12.90 -19.95 -22.72
C LEU A 261 -13.79 -19.33 -21.67
N GLN A 262 -14.11 -20.01 -20.57
CA GLN A 262 -14.89 -19.35 -19.55
C GLN A 262 -14.06 -18.92 -18.36
N ALA A 263 -12.74 -18.93 -18.49
CA ALA A 263 -11.91 -18.25 -17.52
C ALA A 263 -11.79 -16.78 -17.86
N LEU A 264 -12.23 -16.41 -19.06
CA LEU A 264 -12.31 -15.05 -19.56
C LEU A 264 -13.66 -14.41 -19.30
N LYS A 265 -14.63 -15.17 -18.77
CA LYS A 265 -15.96 -14.65 -18.47
C LYS A 265 -15.94 -14.00 -17.11
N ILE A 266 -15.34 -12.81 -17.04
CA ILE A 266 -15.30 -12.02 -15.82
C ILE A 266 -16.43 -11.00 -15.77
N TYR A 267 -17.33 -11.03 -16.76
CA TYR A 267 -18.52 -10.21 -16.81
C TYR A 267 -19.55 -11.03 -17.57
N LYS A 268 -20.82 -10.77 -17.31
CA LYS A 268 -21.89 -11.53 -17.94
C LYS A 268 -22.78 -10.62 -18.78
N ASP A 269 -23.51 -11.25 -19.70
CA ASP A 269 -24.51 -10.54 -20.48
C ASP A 269 -25.50 -9.86 -19.54
N GLY A 270 -25.80 -8.60 -19.82
CA GLY A 270 -26.71 -7.82 -19.02
C GLY A 270 -26.03 -6.95 -17.97
N ASP A 271 -24.78 -7.27 -17.60
CA ASP A 271 -24.02 -6.40 -16.71
C ASP A 271 -23.80 -5.04 -17.34
N THR A 272 -23.66 -4.03 -16.49
CA THR A 272 -23.26 -2.71 -16.95
C THR A 272 -21.88 -2.81 -17.60
N TYR A 273 -21.73 -2.19 -18.78
CA TYR A 273 -20.46 -2.21 -19.48
C TYR A 273 -19.36 -1.65 -18.58
N SER A 274 -18.15 -2.21 -18.73
CA SER A 274 -17.02 -1.79 -17.93
C SER A 274 -15.75 -1.92 -18.76
N GLN A 275 -15.12 -0.78 -19.05
CA GLN A 275 -13.89 -0.81 -19.84
C GLN A 275 -12.79 -1.58 -19.13
N GLU A 276 -12.71 -1.46 -17.79
CA GLU A 276 -11.65 -2.14 -17.06
C GLU A 276 -11.79 -3.66 -17.13
N LYS A 277 -13.03 -4.17 -17.09
CA LYS A 277 -13.21 -5.61 -17.22
C LYS A 277 -12.84 -6.08 -18.62
N VAL A 278 -13.15 -5.27 -19.63
CA VAL A 278 -12.77 -5.60 -21.00
C VAL A 278 -11.24 -5.65 -21.13
N ASN A 279 -10.55 -4.66 -20.56
CA ASN A 279 -9.09 -4.68 -20.60
C ASN A 279 -8.51 -5.84 -19.81
N ALA A 280 -9.19 -6.25 -18.73
CA ALA A 280 -8.75 -7.42 -17.98
C ALA A 280 -8.86 -8.69 -18.81
N VAL A 281 -9.94 -8.81 -19.60
CA VAL A 281 -10.06 -9.95 -20.52
C VAL A 281 -8.93 -9.90 -21.55
N LYS A 282 -8.66 -8.73 -22.11
CA LYS A 282 -7.50 -8.56 -23.00
C LYS A 282 -6.23 -9.09 -22.35
N GLN A 283 -6.00 -8.70 -21.09
CA GLN A 283 -4.77 -9.09 -20.40
C GLN A 283 -4.72 -10.58 -20.12
N LEU A 284 -5.87 -11.20 -19.86
CA LEU A 284 -5.92 -12.65 -19.71
C LEU A 284 -5.49 -13.34 -21.00
N LEU A 285 -6.05 -12.87 -22.13
CA LEU A 285 -5.65 -13.40 -23.43
C LEU A 285 -4.16 -13.21 -23.68
N LEU A 286 -3.65 -12.01 -23.37
CA LEU A 286 -2.25 -11.70 -23.64
C LEU A 286 -1.33 -12.58 -22.80
N ARG A 287 -1.71 -12.86 -21.56
CA ARG A 287 -0.92 -13.74 -20.71
C ARG A 287 -0.96 -15.18 -21.23
N LYS A 288 -2.13 -15.63 -21.69
CA LYS A 288 -2.20 -16.98 -22.23
C LYS A 288 -1.34 -17.13 -23.47
N TYR A 289 -1.31 -16.11 -24.33
CA TYR A 289 -0.46 -16.21 -25.51
C TYR A 289 1.02 -16.06 -25.17
N GLY A 290 1.35 -15.23 -24.17
CA GLY A 290 2.75 -15.11 -23.78
C GLY A 290 3.28 -16.40 -23.19
N ASN A 291 2.49 -17.06 -22.34
CA ASN A 291 2.91 -18.35 -21.80
C ASN A 291 3.05 -19.39 -22.88
N ALA A 292 2.35 -19.24 -24.01
CA ALA A 292 2.49 -20.15 -25.14
C ALA A 292 3.62 -19.76 -26.09
N GLY A 293 4.40 -18.74 -25.76
CA GLY A 293 5.50 -18.33 -26.59
C GLY A 293 5.23 -17.19 -27.56
N TYR A 294 4.07 -16.54 -27.46
CA TYR A 294 3.74 -15.41 -28.33
C TYR A 294 3.99 -14.13 -27.53
N TYR A 295 5.19 -13.58 -27.68
CA TYR A 295 5.61 -12.43 -26.89
C TYR A 295 5.16 -11.10 -27.46
N PHE A 296 4.67 -11.08 -28.70
CA PHE A 296 4.23 -9.85 -29.34
C PHE A 296 2.76 -9.93 -29.72
N ALA A 297 1.96 -10.61 -28.90
CA ALA A 297 0.56 -10.77 -29.22
C ALA A 297 -0.21 -9.50 -28.90
N ASP A 298 -1.32 -9.31 -29.60
CA ASP A 298 -2.24 -8.24 -29.23
C ASP A 298 -3.66 -8.68 -29.54
N VAL A 299 -4.61 -8.01 -28.89
CA VAL A 299 -6.03 -8.33 -29.03
C VAL A 299 -6.71 -7.10 -29.60
N ASN A 300 -7.46 -7.29 -30.66
CA ASN A 300 -8.30 -6.24 -31.22
C ASN A 300 -9.74 -6.48 -30.81
N ILE A 301 -10.42 -5.40 -30.44
CA ILE A 301 -11.80 -5.48 -29.98
C ILE A 301 -12.65 -4.64 -30.92
N VAL A 302 -13.62 -5.28 -31.57
CA VAL A 302 -14.60 -4.58 -32.39
C VAL A 302 -15.93 -4.59 -31.63
N PRO A 303 -16.45 -3.43 -31.25
CA PRO A 303 -17.78 -3.38 -30.63
C PRO A 303 -18.87 -3.20 -31.67
N GLN A 304 -20.05 -3.67 -31.32
CA GLN A 304 -21.27 -3.46 -32.09
C GLN A 304 -22.21 -2.79 -31.09
N ILE A 305 -22.29 -1.47 -31.15
CA ILE A 305 -22.98 -0.67 -30.15
C ILE A 305 -24.33 -0.25 -30.70
N ASN A 306 -25.41 -0.75 -30.09
CA ASN A 306 -26.76 -0.32 -30.43
C ASN A 306 -27.21 0.70 -29.40
N ASN A 307 -27.29 1.97 -29.83
CA ASN A 307 -27.70 3.07 -28.97
C ASN A 307 -29.19 3.02 -28.65
N GLU A 308 -29.98 2.30 -29.43
CA GLU A 308 -31.42 2.29 -29.22
C GLU A 308 -31.81 1.37 -28.06
N THR A 309 -31.27 0.16 -28.04
CA THR A 309 -31.44 -0.73 -26.90
C THR A 309 -30.37 -0.54 -25.84
N GLY A 310 -29.34 0.23 -26.15
CA GLY A 310 -28.26 0.50 -25.21
C GLY A 310 -27.39 -0.69 -24.86
N VAL A 311 -27.03 -1.52 -25.84
CA VAL A 311 -26.22 -2.70 -25.56
C VAL A 311 -25.07 -2.76 -26.54
N VAL A 312 -23.91 -3.20 -26.06
CA VAL A 312 -22.70 -3.30 -26.86
C VAL A 312 -22.27 -4.76 -26.90
N ASP A 313 -22.27 -5.35 -28.10
CA ASP A 313 -21.64 -6.63 -28.31
C ASP A 313 -20.15 -6.44 -28.57
N LEU A 314 -19.36 -7.43 -28.19
CA LEU A 314 -17.90 -7.34 -28.30
C LEU A 314 -17.36 -8.56 -29.03
N ASN A 315 -16.54 -8.32 -30.06
CA ASN A 315 -15.81 -9.37 -30.74
C ASN A 315 -14.33 -9.16 -30.47
N TYR A 316 -13.73 -10.08 -29.73
CA TYR A 316 -12.28 -10.09 -29.51
C TYR A 316 -11.63 -10.92 -30.60
N TYR A 317 -10.67 -10.35 -31.31
CA TYR A 317 -9.89 -11.07 -32.30
C TYR A 317 -8.44 -11.03 -31.90
N VAL A 318 -7.77 -12.17 -31.94
CA VAL A 318 -6.40 -12.29 -31.45
C VAL A 318 -5.43 -12.23 -32.62
N ASN A 319 -4.46 -11.33 -32.51
CA ASN A 319 -3.33 -11.24 -33.42
C ASN A 319 -2.12 -11.82 -32.69
N PRO A 320 -1.79 -13.09 -32.89
CA PRO A 320 -0.78 -13.72 -32.00
C PRO A 320 0.63 -13.23 -32.24
N GLY A 321 0.98 -12.89 -33.48
CA GLY A 321 2.34 -12.56 -33.80
C GLY A 321 3.21 -13.81 -33.93
N GLN A 322 4.52 -13.58 -34.04
CA GLN A 322 5.44 -14.69 -34.25
C GLN A 322 5.67 -15.45 -32.96
N GLN A 323 5.70 -16.77 -33.07
CA GLN A 323 6.02 -17.62 -31.93
C GLN A 323 7.52 -17.77 -31.76
N VAL A 324 7.98 -17.82 -30.52
CA VAL A 324 9.40 -17.99 -30.27
C VAL A 324 9.81 -19.37 -30.77
N THR A 325 10.94 -19.43 -31.47
CA THR A 325 11.40 -20.67 -32.05
C THR A 325 12.04 -21.57 -30.99
N VAL A 326 11.56 -22.81 -30.90
CA VAL A 326 12.20 -23.80 -30.03
C VAL A 326 13.38 -24.39 -30.78
N ARG A 327 14.54 -24.40 -30.13
CA ARG A 327 15.76 -24.87 -30.77
C ARG A 327 15.95 -26.35 -30.48
N ARG A 328 16.10 -27.13 -31.55
CA ARG A 328 16.38 -28.56 -31.45
C ARG A 328 17.13 -29.03 -32.69
N PHE B 1 -16.10 30.68 23.47
CA PHE B 1 -16.73 30.18 24.69
C PHE B 1 -15.70 29.60 25.65
N VAL B 2 -15.03 30.47 26.38
CA VAL B 2 -13.94 30.09 27.30
C VAL B 2 -14.38 28.97 28.22
N VAL B 3 -13.65 27.85 28.23
CA VAL B 3 -14.03 26.69 29.04
C VAL B 3 -13.34 26.79 30.39
N ARG B 4 -14.15 26.91 31.44
CA ARG B 4 -13.68 26.88 32.83
C ARG B 4 -13.57 25.48 33.36
N ASP B 5 -14.36 24.55 32.80
CA ASP B 5 -14.39 23.17 33.26
C ASP B 5 -14.77 22.27 32.09
N ILE B 6 -14.29 21.04 32.15
CA ILE B 6 -14.66 19.98 31.21
C ILE B 6 -15.08 18.77 32.02
N ARG B 7 -16.22 18.19 31.66
CA ARG B 7 -16.68 16.98 32.33
C ARG B 7 -16.92 15.90 31.29
N VAL B 8 -16.71 14.65 31.69
CA VAL B 8 -16.86 13.50 30.82
C VAL B 8 -17.72 12.49 31.55
N ASN B 9 -18.89 12.20 31.00
CA ASN B 9 -19.80 11.19 31.53
C ASN B 9 -19.77 9.96 30.64
N GLY B 10 -19.94 8.80 31.26
CA GLY B 10 -20.04 7.54 30.54
C GLY B 10 -18.87 6.61 30.75
N LEU B 11 -17.80 7.06 31.40
CA LEU B 11 -16.62 6.23 31.59
C LEU B 11 -16.86 5.18 32.67
N VAL B 12 -16.28 3.99 32.45
CA VAL B 12 -16.37 2.88 33.40
C VAL B 12 -14.99 2.44 33.87
N ARG B 13 -14.09 2.13 32.94
CA ARG B 13 -12.71 1.81 33.29
C ARG B 13 -11.74 2.95 33.00
N LEU B 14 -12.00 3.73 31.95
CA LEU B 14 -11.16 4.89 31.66
C LEU B 14 -11.35 5.96 32.74
N THR B 15 -10.26 6.61 33.12
CA THR B 15 -10.54 7.55 34.19
C THR B 15 -10.86 8.92 33.61
N PRO B 16 -11.81 9.65 34.21
CA PRO B 16 -12.14 10.99 33.70
C PRO B 16 -10.95 11.92 33.55
N ALA B 17 -10.02 11.89 34.51
CA ALA B 17 -8.80 12.69 34.38
C ALA B 17 -8.02 12.30 33.13
N ASN B 18 -7.91 11.00 32.86
CA ASN B 18 -7.16 10.51 31.71
C ASN B 18 -7.79 10.95 30.40
N VAL B 19 -9.12 10.84 30.28
CA VAL B 19 -9.77 11.23 29.04
C VAL B 19 -9.68 12.74 28.87
N TYR B 20 -9.74 13.50 29.97
CA TYR B 20 -9.55 14.95 29.88
C TYR B 20 -8.15 15.29 29.38
N THR B 21 -7.16 14.51 29.82
CA THR B 21 -5.80 14.71 29.32
C THR B 21 -5.70 14.40 27.83
N LEU B 23 -7.79 14.90 25.72
CA LEU B 23 -8.51 15.95 25.01
C LEU B 23 -7.56 17.09 24.63
N PRO B 24 -7.65 17.59 23.39
CA PRO B 24 -6.80 18.72 23.00
C PRO B 24 -7.20 20.04 23.66
N ILE B 25 -8.38 20.11 24.23
CA ILE B 25 -8.85 21.30 24.96
C ILE B 25 -8.49 21.14 26.43
N ASN B 26 -7.96 22.20 27.03
CA ASN B 26 -7.61 22.21 28.45
C ASN B 26 -8.39 23.31 29.16
N SER B 27 -8.53 23.16 30.47
CA SER B 27 -9.22 24.15 31.28
C SER B 27 -8.50 25.49 31.20
N GLY B 28 -9.20 26.49 30.67
CA GLY B 28 -8.64 27.83 30.52
C GLY B 28 -8.49 28.31 29.10
N ASP B 29 -8.90 27.52 28.10
CA ASP B 29 -8.80 27.90 26.70
C ASP B 29 -10.12 28.47 26.21
N ARG B 30 -10.05 29.38 25.25
CA ARG B 30 -11.23 29.89 24.57
C ARG B 30 -11.51 29.04 23.34
N VAL B 31 -12.67 28.40 23.31
CA VAL B 31 -12.97 27.38 22.30
C VAL B 31 -14.08 27.87 21.38
N ASN B 32 -14.03 27.37 20.14
CA ASN B 32 -15.06 27.56 19.12
C ASN B 32 -15.49 26.20 18.59
N GLU B 33 -16.57 26.18 17.81
CA GLU B 33 -17.13 24.91 17.34
C GLU B 33 -16.16 24.04 16.55
N PRO B 34 -15.35 24.54 15.61
CA PRO B 34 -14.40 23.65 14.93
C PRO B 34 -13.44 22.94 15.87
N ILE B 36 -14.13 22.01 19.09
CA ILE B 36 -14.85 20.91 19.74
C ILE B 36 -15.02 19.75 18.77
N ALA B 37 -15.28 20.04 17.48
CA ALA B 37 -15.35 18.97 16.51
C ALA B 37 -14.00 18.27 16.35
N GLU B 38 -12.91 19.03 16.44
CA GLU B 38 -11.57 18.44 16.40
C GLU B 38 -11.33 17.54 17.61
N ALA B 39 -11.79 17.97 18.80
CA ALA B 39 -11.66 17.15 19.99
C ALA B 39 -12.49 15.87 19.86
N ILE B 40 -13.68 15.97 19.27
CA ILE B 40 -14.51 14.77 19.09
C ILE B 40 -13.85 13.81 18.11
N ARG B 41 -13.25 14.34 17.04
CA ARG B 41 -12.53 13.47 16.11
C ARG B 41 -11.32 12.84 16.78
N THR B 42 -10.59 13.60 17.59
CA THR B 42 -9.45 13.04 18.31
C THR B 42 -9.88 11.92 19.26
N LEU B 43 -11.01 12.12 19.95
CA LEU B 43 -11.48 11.10 20.87
C LEU B 43 -11.95 9.85 20.14
N TYR B 44 -12.62 10.02 18.99
CA TYR B 44 -13.02 8.88 18.19
C TYR B 44 -11.81 8.12 17.65
N ALA B 45 -10.75 8.84 17.29
CA ALA B 45 -9.58 8.20 16.71
C ALA B 45 -8.92 7.22 17.65
N THR B 46 -9.19 7.32 18.96
CA THR B 46 -8.62 6.38 19.92
C THR B 46 -9.29 5.02 19.85
N GLY B 47 -10.43 4.89 19.19
CA GLY B 47 -11.11 3.63 19.12
C GLY B 47 -11.66 3.14 20.44
N LEU B 48 -11.70 3.98 21.46
CA LEU B 48 -12.16 3.60 22.77
C LEU B 48 -13.66 3.82 22.97
N PHE B 49 -14.29 4.62 22.12
CA PHE B 49 -15.66 5.08 22.32
C PHE B 49 -16.53 4.66 21.16
N ASP B 50 -17.73 4.19 21.47
CA ASP B 50 -18.73 3.92 20.45
C ASP B 50 -19.49 5.18 20.05
N ASP B 51 -19.57 6.15 20.95
CA ASP B 51 -20.34 7.37 20.69
C ASP B 51 -19.80 8.48 21.56
N ILE B 52 -19.80 9.70 21.02
CA ILE B 52 -19.37 10.91 21.73
C ILE B 52 -20.33 12.03 21.38
N LYS B 53 -20.85 12.72 22.40
CA LYS B 53 -21.74 13.85 22.20
C LYS B 53 -21.25 15.02 23.06
N ALA B 54 -21.17 16.21 22.46
CA ALA B 54 -20.67 17.39 23.15
C ALA B 54 -21.80 18.36 23.43
N SER B 55 -21.80 18.93 24.63
CA SER B 55 -22.79 19.93 25.03
C SER B 55 -22.07 21.03 25.82
N LYS B 56 -22.77 22.15 25.99
CA LYS B 56 -22.22 23.33 26.63
C LYS B 56 -23.09 23.73 27.81
N GLU B 57 -22.87 23.11 28.97
CA GLU B 57 -23.44 23.76 30.13
C GLU B 57 -22.62 25.03 30.38
N ASN B 58 -23.03 25.86 31.34
CA ASN B 58 -22.90 27.31 31.20
C ASN B 58 -21.64 27.75 30.47
N ASP B 59 -20.47 27.47 31.03
CA ASP B 59 -19.20 27.60 30.32
C ASP B 59 -18.33 26.39 30.59
N THR B 60 -18.98 25.25 30.80
CA THR B 60 -18.34 23.97 31.02
C THR B 60 -18.71 23.07 29.84
N LEU B 61 -17.67 22.51 29.23
CA LEU B 61 -17.86 21.61 28.10
C LEU B 61 -18.11 20.20 28.63
N VAL B 62 -19.19 19.58 28.19
CA VAL B 62 -19.58 18.26 28.65
C VAL B 62 -19.49 17.29 27.49
N PHE B 63 -18.83 16.16 27.72
CA PHE B 63 -18.73 15.09 26.74
C PHE B 63 -19.42 13.86 27.32
N ASN B 64 -20.55 13.48 26.73
CA ASN B 64 -21.24 12.25 27.08
C ASN B 64 -20.80 11.19 26.09
N VAL B 65 -20.05 10.20 26.57
CA VAL B 65 -19.46 9.20 25.71
C VAL B 65 -20.02 7.84 26.10
N ILE B 66 -19.81 6.88 25.21
CA ILE B 66 -20.15 5.49 25.44
C ILE B 66 -18.85 4.70 25.33
N GLU B 67 -18.41 4.14 26.44
CA GLU B 67 -17.15 3.41 26.48
C GLU B 67 -17.33 2.02 25.87
N ARG B 68 -16.43 1.65 24.97
CA ARG B 68 -16.45 0.31 24.41
C ARG B 68 -16.16 -0.70 25.52
N PRO B 69 -16.68 -1.93 25.41
CA PRO B 69 -16.61 -2.86 26.54
C PRO B 69 -15.18 -3.17 26.97
N ILE B 70 -15.07 -3.70 28.18
CA ILE B 70 -13.81 -4.02 28.81
C ILE B 70 -13.54 -5.51 28.65
N ILE B 71 -12.31 -5.85 28.28
CA ILE B 71 -11.92 -7.25 28.10
C ILE B 71 -11.89 -7.90 29.48
N SER B 72 -12.87 -8.76 29.76
CA SER B 72 -12.93 -9.49 31.03
C SER B 72 -12.14 -10.78 30.99
N LYS B 73 -12.03 -11.41 29.82
CA LYS B 73 -11.39 -12.71 29.67
C LYS B 73 -10.68 -12.78 28.33
N LEU B 74 -9.48 -13.35 28.33
CA LEU B 74 -8.72 -13.56 27.11
C LEU B 74 -8.17 -14.98 27.17
N GLU B 75 -8.64 -15.84 26.28
CA GLU B 75 -8.22 -17.23 26.26
C GLU B 75 -7.73 -17.61 24.87
N PHE B 76 -6.80 -18.56 24.85
CA PHE B 76 -6.17 -19.04 23.63
C PHE B 76 -6.47 -20.52 23.46
N LYS B 77 -6.96 -20.89 22.28
CA LYS B 77 -7.46 -22.23 22.02
C LYS B 77 -6.73 -22.80 20.82
N GLY B 78 -6.18 -23.99 20.98
CA GLY B 78 -5.45 -24.63 19.91
C GLY B 78 -4.13 -23.99 19.54
N ASN B 79 -3.42 -23.41 20.51
CA ASN B 79 -2.09 -22.88 20.27
C ASN B 79 -1.09 -23.83 20.90
N LYS B 80 -0.15 -24.28 20.10
CA LYS B 80 0.85 -25.23 20.59
C LYS B 80 2.27 -24.83 20.22
N LEU B 81 2.47 -24.31 19.01
CA LEU B 81 3.82 -23.96 18.57
C LEU B 81 4.34 -22.75 19.34
N ILE B 82 3.55 -21.68 19.39
CA ILE B 82 3.85 -20.51 20.21
C ILE B 82 3.12 -20.63 21.53
N PRO B 83 3.78 -20.45 22.67
CA PRO B 83 3.12 -20.65 23.96
C PRO B 83 2.24 -19.47 24.33
N LYS B 84 1.36 -19.72 25.31
CA LYS B 84 0.41 -18.70 25.75
C LYS B 84 1.12 -17.43 26.20
N GLU B 85 2.34 -17.55 26.75
CA GLU B 85 3.02 -16.37 27.27
C GLU B 85 3.41 -15.40 26.16
N ALA B 86 4.02 -15.92 25.09
CA ALA B 86 4.47 -15.04 24.01
C ALA B 86 3.30 -14.35 23.30
N LEU B 87 2.21 -15.08 23.09
CA LEU B 87 1.03 -14.47 22.48
C LEU B 87 0.40 -13.46 23.42
N GLU B 88 0.35 -13.78 24.71
CA GLU B 88 -0.15 -12.87 25.72
C GLU B 88 0.63 -11.57 25.72
N GLN B 89 1.96 -11.65 25.72
CA GLN B 89 2.79 -10.44 25.75
C GLN B 89 2.67 -9.64 24.46
N GLY B 90 2.68 -10.32 23.32
CA GLY B 90 2.52 -9.62 22.05
C GLY B 90 1.21 -8.88 21.96
N LEU B 91 0.13 -9.50 22.46
CA LEU B 91 -1.16 -8.82 22.43
C LEU B 91 -1.22 -7.72 23.48
N LYS B 92 -0.58 -7.93 24.63
CA LYS B 92 -0.60 -6.92 25.69
C LYS B 92 0.13 -5.66 25.25
N LYS B 93 1.11 -5.81 24.36
CA LYS B 93 1.87 -4.66 23.91
C LYS B 93 1.11 -3.85 22.87
N GLY B 95 -2.21 -3.37 23.32
CA GLY B 95 -3.38 -2.93 24.06
C GLY B 95 -4.50 -3.93 24.20
N ILE B 96 -4.25 -5.21 23.91
CA ILE B 96 -5.23 -6.27 24.08
C ILE B 96 -4.80 -7.09 25.29
N ALA B 97 -5.49 -6.90 26.40
CA ALA B 97 -5.23 -7.64 27.62
C ALA B 97 -6.45 -7.53 28.52
N GLU B 98 -6.48 -8.37 29.56
CA GLU B 98 -7.61 -8.34 30.50
C GLU B 98 -7.64 -7.00 31.23
N GLY B 99 -8.82 -6.39 31.30
CA GLY B 99 -8.97 -5.12 31.97
C GLY B 99 -8.80 -3.90 31.10
N GLU B 100 -8.63 -4.09 29.78
CA GLU B 100 -8.47 -3.00 28.85
C GLU B 100 -9.70 -2.88 27.97
N VAL B 101 -9.88 -1.70 27.40
CA VAL B 101 -11.01 -1.42 26.52
C VAL B 101 -10.85 -2.17 25.20
N PHE B 102 -11.91 -2.85 24.78
CA PHE B 102 -11.92 -3.55 23.49
C PHE B 102 -12.16 -2.49 22.41
N LYS B 103 -11.07 -2.07 21.78
CA LYS B 103 -11.11 -1.00 20.79
C LYS B 103 -11.78 -1.45 19.49
N LYS B 104 -12.26 -0.46 18.73
CA LYS B 104 -12.80 -0.74 17.40
C LYS B 104 -11.76 -1.45 16.54
N SER B 105 -10.52 -1.00 16.61
CA SER B 105 -9.40 -1.53 15.83
C SER B 105 -8.74 -2.72 16.50
N ALA B 106 -9.52 -3.58 17.17
CA ALA B 106 -8.87 -4.62 17.97
C ALA B 106 -8.90 -5.99 17.35
N LEU B 107 -9.98 -6.37 16.64
CA LEU B 107 -9.97 -7.65 15.93
C LEU B 107 -8.87 -7.65 14.89
N GLN B 108 -8.77 -6.57 14.11
CA GLN B 108 -7.74 -6.43 13.10
C GLN B 108 -6.35 -6.47 13.71
N THR B 109 -6.17 -5.83 14.86
CA THR B 109 -4.85 -5.78 15.46
C THR B 109 -4.45 -7.14 16.03
N ILE B 110 -5.42 -7.85 16.63
CA ILE B 110 -5.18 -9.23 17.05
C ILE B 110 -4.71 -10.07 15.86
N GLU B 111 -5.48 -10.07 14.77
CA GLU B 111 -5.11 -10.90 13.62
C GLU B 111 -3.74 -10.51 13.06
N THR B 112 -3.47 -9.20 12.96
CA THR B 112 -2.19 -8.75 12.42
C THR B 112 -1.04 -9.22 13.30
N GLU B 113 -1.14 -9.03 14.62
CA GLU B 113 -0.03 -9.34 15.50
C GLU B 113 0.18 -10.85 15.62
N LEU B 114 -0.90 -11.61 15.73
CA LEU B 114 -0.75 -13.05 15.85
C LEU B 114 -0.31 -13.69 14.54
N GLU B 115 -0.75 -13.16 13.40
CA GLU B 115 -0.31 -13.72 12.14
C GLU B 115 1.13 -13.34 11.84
N GLN B 116 1.57 -12.15 12.27
CA GLN B 116 2.98 -11.81 12.14
C GLN B 116 3.84 -12.71 13.03
N GLN B 117 3.40 -12.94 14.27
CA GLN B 117 4.12 -13.84 15.17
C GLN B 117 4.20 -15.26 14.60
N TYR B 118 3.14 -15.70 13.90
CA TYR B 118 3.18 -17.04 13.32
C TYR B 118 4.00 -17.09 12.03
N THR B 119 3.99 -16.01 11.25
CA THR B 119 4.79 -15.94 10.02
C THR B 119 6.27 -15.80 10.31
N GLN B 120 6.62 -15.46 11.55
CA GLN B 120 8.03 -15.49 11.93
C GLN B 120 8.46 -16.87 12.41
N GLN B 121 7.61 -17.88 12.28
CA GLN B 121 7.96 -19.25 12.64
C GLN B 121 7.69 -20.24 11.52
N GLY B 122 7.58 -19.78 10.28
CA GLY B 122 7.45 -20.66 9.15
C GLY B 122 6.02 -20.99 8.75
N ARG B 123 5.03 -20.60 9.56
CA ARG B 123 3.63 -20.94 9.32
C ARG B 123 2.98 -19.78 8.59
N TYR B 124 3.07 -19.80 7.26
CA TYR B 124 2.47 -18.76 6.43
C TYR B 124 1.00 -18.99 6.15
N ASP B 125 0.47 -20.16 6.48
CA ASP B 125 -0.94 -20.46 6.30
C ASP B 125 -1.70 -20.46 7.62
N ALA B 126 -1.06 -20.04 8.70
CA ALA B 126 -1.73 -19.94 9.99
C ALA B 126 -2.78 -18.83 9.95
N ASP B 127 -3.98 -19.13 10.45
CA ASP B 127 -5.05 -18.14 10.53
C ASP B 127 -5.62 -18.15 11.94
N VAL B 128 -5.78 -16.98 12.51
CA VAL B 128 -6.39 -16.84 13.83
C VAL B 128 -7.81 -16.34 13.62
N THR B 129 -8.71 -16.77 14.49
CA THR B 129 -10.09 -16.34 14.43
C THR B 129 -10.55 -16.06 15.85
N VAL B 130 -11.17 -14.90 16.05
CA VAL B 130 -11.52 -14.41 17.38
C VAL B 130 -13.03 -14.45 17.56
N ASP B 131 -13.47 -15.04 18.66
CA ASP B 131 -14.87 -15.03 19.06
C ASP B 131 -15.02 -14.04 20.20
N THR B 132 -16.04 -13.19 20.13
CA THR B 132 -16.32 -12.23 21.17
C THR B 132 -17.60 -12.66 21.86
N VAL B 133 -17.54 -12.83 23.18
CA VAL B 133 -18.69 -13.18 23.99
C VAL B 133 -19.07 -11.96 24.81
N ALA B 134 -20.34 -11.63 24.84
CA ALA B 134 -20.79 -10.49 25.62
C ALA B 134 -21.07 -10.94 27.05
N ARG B 135 -20.80 -10.05 27.99
CA ARG B 135 -21.03 -10.35 29.39
C ARG B 135 -21.57 -9.09 30.05
N PRO B 136 -22.32 -9.23 31.13
CA PRO B 136 -23.05 -8.07 31.68
C PRO B 136 -22.10 -6.97 32.12
N ASN B 137 -22.69 -5.79 32.32
CA ASN B 137 -21.96 -4.56 32.63
C ASN B 137 -20.92 -4.24 31.56
N ASN B 138 -21.35 -4.35 30.30
CA ASN B 138 -20.54 -4.04 29.12
C ASN B 138 -19.14 -4.66 29.20
N ARG B 139 -19.11 -5.99 29.29
CA ARG B 139 -17.84 -6.71 29.30
C ARG B 139 -17.79 -7.64 28.11
N VAL B 140 -16.60 -8.06 27.72
CA VAL B 140 -16.42 -8.92 26.56
C VAL B 140 -15.30 -9.92 26.83
N GLU B 141 -15.57 -11.19 26.55
CA GLU B 141 -14.57 -12.25 26.64
C GLU B 141 -14.08 -12.60 25.25
N LEU B 142 -12.77 -12.72 25.10
CA LEU B 142 -12.14 -12.96 23.81
C LEU B 142 -11.62 -14.39 23.76
N LYS B 143 -12.11 -15.17 22.80
CA LYS B 143 -11.71 -16.55 22.58
C LYS B 143 -10.94 -16.58 21.26
N ILE B 144 -9.62 -16.66 21.33
CA ILE B 144 -8.77 -16.64 20.15
C ILE B 144 -8.45 -18.08 19.77
N ASN B 145 -8.96 -18.51 18.62
CA ASN B 145 -8.74 -19.83 18.05
C ASN B 145 -7.62 -19.75 17.03
N PHE B 146 -6.70 -20.71 17.09
CA PHE B 146 -5.51 -20.72 16.24
C PHE B 146 -5.56 -21.92 15.32
N ASN B 147 -5.48 -21.68 14.02
CA ASN B 147 -5.07 -22.72 13.07
C ASN B 147 -3.61 -22.44 12.75
N GLU B 148 -2.73 -23.23 13.36
CA GLU B 148 -1.29 -23.00 13.23
C GLU B 148 -0.77 -23.28 11.84
N GLY B 149 -1.54 -24.01 11.03
CA GLY B 149 -1.10 -24.32 9.69
C GLY B 149 -0.11 -25.47 9.67
N THR B 150 0.68 -25.50 8.60
CA THR B 150 1.67 -26.51 8.33
C THR B 150 3.06 -25.89 8.22
N PRO B 151 4.11 -26.60 8.62
CA PRO B 151 5.46 -26.05 8.52
C PRO B 151 5.79 -25.77 7.07
N ALA B 152 6.59 -24.73 6.85
CA ALA B 152 6.91 -24.33 5.48
C ALA B 152 7.57 -25.48 4.71
N LYS B 153 7.20 -25.59 3.45
CA LYS B 153 7.82 -26.58 2.59
C LYS B 153 9.27 -26.22 2.33
N VAL B 154 10.10 -27.25 2.18
CA VAL B 154 11.51 -27.10 1.84
C VAL B 154 11.65 -27.27 0.34
N PHE B 155 12.22 -26.27 -0.32
CA PHE B 155 12.23 -26.21 -1.78
C PHE B 155 13.62 -26.53 -2.29
N ASP B 156 13.66 -27.31 -3.37
CA ASP B 156 14.87 -27.52 -4.17
C ASP B 156 14.52 -27.15 -5.60
N ILE B 157 14.99 -26.00 -6.05
CA ILE B 157 14.61 -25.46 -7.35
C ILE B 157 15.84 -25.51 -8.24
N ASN B 158 15.70 -26.16 -9.39
CA ASN B 158 16.81 -26.40 -10.31
C ASN B 158 16.44 -25.90 -11.70
N VAL B 159 17.07 -24.83 -12.15
CA VAL B 159 16.72 -24.25 -13.44
C VAL B 159 17.85 -24.52 -14.42
N ILE B 160 17.81 -25.70 -15.02
CA ILE B 160 18.83 -26.10 -15.99
C ILE B 160 18.83 -25.15 -17.17
N GLY B 161 19.98 -24.51 -17.40
CA GLY B 161 20.14 -23.58 -18.49
C GLY B 161 20.31 -22.14 -18.05
N ASN B 162 20.22 -21.87 -16.75
CA ASN B 162 20.30 -20.51 -16.23
C ASN B 162 21.75 -20.10 -16.06
N THR B 163 22.16 -19.04 -16.77
CA THR B 163 23.46 -18.41 -16.57
C THR B 163 23.32 -16.91 -16.28
N VAL B 164 22.11 -16.40 -16.18
CA VAL B 164 21.87 -14.97 -16.09
C VAL B 164 21.55 -14.53 -14.66
N PHE B 165 20.80 -15.34 -13.92
CA PHE B 165 20.30 -14.93 -12.62
C PHE B 165 20.93 -15.72 -11.50
N LYS B 166 21.04 -15.07 -10.34
CA LYS B 166 21.48 -15.72 -9.12
C LYS B 166 20.33 -16.54 -8.53
N ASP B 167 20.69 -17.50 -7.69
CA ASP B 167 19.70 -18.43 -7.16
C ASP B 167 18.66 -17.71 -6.31
N SER B 168 19.06 -16.62 -5.63
CA SER B 168 18.12 -15.71 -4.98
C SER B 168 17.00 -15.28 -5.93
N GLU B 169 17.39 -14.69 -7.07
CA GLU B 169 16.41 -14.15 -8.00
C GLU B 169 15.51 -15.23 -8.59
N ILE B 170 16.09 -16.40 -8.90
CA ILE B 170 15.29 -17.50 -9.42
C ILE B 170 14.27 -17.94 -8.39
N LYS B 171 14.70 -18.13 -7.14
CA LYS B 171 13.80 -18.56 -6.08
C LYS B 171 12.74 -17.51 -5.80
N GLN B 172 13.00 -16.25 -6.11
CA GLN B 172 11.99 -15.23 -5.89
C GLN B 172 10.81 -15.36 -6.86
N ALA B 173 10.99 -16.06 -7.97
CA ALA B 173 9.91 -16.20 -8.93
C ALA B 173 8.89 -17.26 -8.51
N PHE B 174 9.30 -18.20 -7.66
CA PHE B 174 8.42 -19.25 -7.18
C PHE B 174 7.70 -18.86 -5.89
N ALA B 175 8.07 -17.74 -5.27
CA ALA B 175 7.38 -17.20 -4.11
C ALA B 175 7.20 -18.26 -3.03
N VAL B 176 8.33 -18.72 -2.50
CA VAL B 176 8.33 -19.90 -1.63
C VAL B 176 7.80 -19.63 -0.23
N LYS B 177 7.42 -18.39 0.08
CA LYS B 177 6.87 -18.06 1.39
C LYS B 177 5.39 -17.68 1.34
N GLU B 178 4.75 -17.79 0.18
CA GLU B 178 3.32 -17.55 0.12
C GLU B 178 2.56 -18.81 0.51
N SER B 179 1.33 -18.63 0.97
CA SER B 179 0.60 -19.71 1.62
C SER B 179 -0.07 -20.67 0.64
N GLY B 180 -0.06 -20.35 -0.66
CA GLY B 180 -0.63 -21.27 -1.63
C GLY B 180 0.08 -22.61 -1.63
N TRP B 181 1.40 -22.60 -1.44
CA TRP B 181 2.15 -23.86 -1.39
C TRP B 181 1.66 -24.78 -0.30
N ALA B 182 0.89 -24.27 0.67
CA ALA B 182 0.34 -25.13 1.70
C ALA B 182 -0.61 -26.17 1.10
N SER B 183 -1.34 -25.82 0.03
CA SER B 183 -2.32 -26.71 -0.57
C SER B 183 -1.72 -27.61 -1.64
N VAL B 184 -0.43 -27.48 -1.96
CA VAL B 184 0.20 -28.34 -2.95
C VAL B 184 0.57 -29.64 -2.24
N VAL B 185 -0.27 -30.66 -2.38
CA VAL B 185 -0.02 -31.97 -1.80
C VAL B 185 0.24 -33.03 -2.87
N THR B 186 -0.21 -32.82 -4.09
CA THR B 186 0.04 -33.71 -5.21
C THR B 186 0.79 -32.94 -6.29
N ARG B 187 1.65 -33.66 -7.02
CA ARG B 187 2.45 -33.02 -8.06
C ARG B 187 1.62 -32.43 -9.20
N ASN B 188 0.37 -32.88 -9.40
CA ASN B 188 -0.36 -32.50 -10.60
C ASN B 188 -1.81 -32.10 -10.33
N ASP B 189 -2.17 -31.78 -9.09
CA ASP B 189 -3.51 -31.28 -8.82
C ASP B 189 -3.64 -29.83 -9.31
N ARG B 190 -4.86 -29.30 -9.22
CA ARG B 190 -5.10 -27.93 -9.69
C ARG B 190 -4.21 -26.91 -8.98
N TYR B 191 -3.89 -27.16 -7.70
CA TYR B 191 -3.14 -26.17 -6.93
C TYR B 191 -1.68 -26.14 -7.36
N ALA B 192 -1.08 -27.32 -7.53
CA ALA B 192 0.29 -27.39 -8.04
C ALA B 192 0.35 -26.85 -9.46
N ARG B 193 -0.68 -27.14 -10.26
CA ARG B 193 -0.68 -26.66 -11.64
C ARG B 193 -0.68 -25.14 -11.67
N GLU B 194 -1.51 -24.52 -10.82
CA GLU B 194 -1.55 -23.06 -10.81
C GLU B 194 -0.26 -22.47 -10.27
N LYS B 195 0.33 -23.08 -9.23
CA LYS B 195 1.58 -22.55 -8.70
C LYS B 195 2.68 -22.60 -9.75
N ALA B 197 2.30 -22.73 -13.07
CA ALA B 197 2.00 -21.79 -14.15
C ALA B 197 2.40 -20.37 -13.76
N ALA B 198 2.05 -19.95 -12.54
CA ALA B 198 2.39 -18.61 -12.09
C ALA B 198 3.90 -18.42 -11.98
N SER B 199 4.61 -19.45 -11.49
CA SER B 199 6.05 -19.34 -11.34
C SER B 199 6.74 -19.26 -12.70
N LEU B 200 6.29 -20.06 -13.66
CA LEU B 200 6.89 -20.01 -14.99
C LEU B 200 6.58 -18.68 -15.66
N GLU B 201 5.42 -18.10 -15.39
CA GLU B 201 5.12 -16.79 -15.95
C GLU B 201 6.07 -15.73 -15.37
N ALA B 202 6.34 -15.81 -14.06
CA ALA B 202 7.27 -14.85 -13.44
C ALA B 202 8.68 -15.02 -13.99
N LEU B 203 9.10 -16.26 -14.24
CA LEU B 203 10.43 -16.52 -14.81
C LEU B 203 10.53 -15.93 -16.22
N ARG B 204 9.52 -16.19 -17.04
CA ARG B 204 9.43 -15.59 -18.37
C ARG B 204 9.55 -14.08 -18.29
N ALA B 205 8.85 -13.46 -17.33
CA ALA B 205 8.86 -12.01 -17.21
C ALA B 205 10.25 -11.48 -16.86
N TYR B 207 13.18 -12.86 -17.65
CA TYR B 207 14.06 -12.95 -18.81
C TYR B 207 13.70 -11.91 -19.86
N LEU B 208 12.40 -11.77 -20.16
CA LEU B 208 12.00 -10.84 -21.22
C LEU B 208 12.23 -9.40 -20.82
N ASN B 209 12.12 -9.07 -19.53
CA ASN B 209 12.43 -7.72 -19.10
C ASN B 209 13.92 -7.45 -19.02
N LYS B 210 14.76 -8.50 -19.07
CA LYS B 210 16.20 -8.30 -19.12
C LYS B 210 16.79 -8.48 -20.52
N GLY B 211 15.94 -8.56 -21.55
CA GLY B 211 16.40 -8.54 -22.93
C GLY B 211 16.48 -9.88 -23.64
N TYR B 212 16.19 -11.00 -22.96
CA TYR B 212 16.33 -12.32 -23.57
C TYR B 212 15.04 -12.67 -24.30
N ILE B 213 14.86 -12.04 -25.47
CA ILE B 213 13.61 -12.15 -26.21
C ILE B 213 13.44 -13.53 -26.85
N ASN B 214 14.50 -14.34 -26.95
CA ASN B 214 14.40 -15.68 -27.50
C ASN B 214 14.30 -16.73 -26.42
N PHE B 215 14.16 -16.31 -25.16
CA PHE B 215 14.01 -17.25 -24.06
C PHE B 215 12.81 -18.16 -24.29
N ASN B 216 12.98 -19.42 -23.94
CA ASN B 216 11.87 -20.37 -24.00
C ASN B 216 12.09 -21.44 -22.94
N ILE B 217 11.00 -21.84 -22.30
CA ILE B 217 11.01 -22.92 -21.33
C ILE B 217 10.83 -24.24 -22.08
N ASN B 218 11.80 -25.13 -21.95
CA ASN B 218 11.74 -26.41 -22.65
C ASN B 218 10.86 -27.40 -21.91
N ASN B 219 11.05 -27.51 -20.59
CA ASN B 219 10.14 -28.38 -19.84
C ASN B 219 10.18 -28.02 -18.36
N SER B 220 9.18 -28.50 -17.63
CA SER B 220 9.08 -28.23 -16.21
C SER B 220 8.48 -29.45 -15.52
N GLN B 221 8.93 -29.68 -14.28
CA GLN B 221 8.47 -30.79 -13.49
C GLN B 221 8.45 -30.41 -12.02
N LEU B 222 7.40 -30.82 -11.32
CA LEU B 222 7.26 -30.65 -9.88
C LEU B 222 7.05 -32.02 -9.25
N ASN B 223 7.71 -32.26 -8.13
CA ASN B 223 7.63 -33.54 -7.43
C ASN B 223 7.58 -33.27 -5.94
N ILE B 224 6.80 -34.07 -5.21
CA ILE B 224 6.67 -33.95 -3.78
C ILE B 224 7.11 -35.25 -3.11
N SER B 225 7.85 -35.12 -2.02
CA SER B 225 8.20 -36.27 -1.20
C SER B 225 6.94 -36.84 -0.55
N GLU B 226 6.98 -38.13 -0.22
CA GLU B 226 5.79 -38.75 0.36
C GLU B 226 5.49 -38.27 1.77
N ASP B 227 6.42 -37.57 2.42
CA ASP B 227 6.10 -36.84 3.63
C ASP B 227 5.48 -35.47 3.34
N LYS B 228 5.36 -35.09 2.06
CA LYS B 228 4.76 -33.84 1.63
C LYS B 228 5.58 -32.64 2.09
N LYS B 229 6.71 -32.89 2.74
CA LYS B 229 7.50 -31.82 3.36
C LYS B 229 8.50 -31.17 2.39
N HIS B 230 8.93 -31.87 1.35
CA HIS B 230 9.90 -31.36 0.38
C HIS B 230 9.27 -31.20 -1.00
N ILE B 231 9.53 -30.07 -1.64
CA ILE B 231 9.12 -29.80 -3.01
C ILE B 231 10.37 -29.76 -3.88
N PHE B 232 10.39 -30.53 -4.97
CA PHE B 232 11.48 -30.53 -5.93
C PHE B 232 10.93 -30.01 -7.25
N ILE B 233 11.53 -28.94 -7.76
CA ILE B 233 11.10 -28.32 -9.00
C ILE B 233 12.29 -28.29 -9.96
N GLU B 234 12.05 -28.66 -11.20
CA GLU B 234 13.08 -28.64 -12.22
C GLU B 234 12.52 -27.99 -13.47
N VAL B 235 13.19 -26.95 -13.95
CA VAL B 235 12.78 -26.24 -15.16
C VAL B 235 13.98 -26.20 -16.10
N ALA B 236 13.81 -26.69 -17.31
CA ALA B 236 14.84 -26.64 -18.34
C ALA B 236 14.47 -25.55 -19.33
N VAL B 237 15.38 -24.57 -19.47
CA VAL B 237 15.17 -23.37 -20.25
C VAL B 237 16.29 -23.23 -21.28
N ASP B 238 15.99 -22.49 -22.35
CA ASP B 238 16.97 -22.07 -23.34
C ASP B 238 16.96 -20.55 -23.36
N GLU B 239 18.03 -19.93 -22.86
CA GLU B 239 18.00 -18.48 -22.61
C GLU B 239 18.11 -17.68 -23.89
N GLY B 240 18.94 -18.11 -24.84
CA GLY B 240 19.24 -17.26 -25.97
C GLY B 240 20.15 -16.11 -25.57
N SER B 241 20.33 -15.18 -26.50
CA SER B 241 21.22 -14.08 -26.24
C SER B 241 20.46 -12.87 -25.71
N GLN B 242 21.20 -11.94 -25.14
CA GLN B 242 20.61 -10.68 -24.70
C GLN B 242 20.51 -9.72 -25.88
N PHE B 243 19.45 -8.92 -25.87
CA PHE B 243 19.15 -8.07 -27.01
C PHE B 243 19.01 -6.62 -26.57
N LYS B 244 19.24 -5.74 -27.54
CA LYS B 244 19.09 -4.30 -27.35
C LYS B 244 18.03 -3.78 -28.31
N PHE B 245 17.46 -2.65 -27.95
CA PHE B 245 16.51 -1.98 -28.83
C PHE B 245 17.23 -1.44 -30.05
N GLY B 246 16.60 -1.58 -31.21
CA GLY B 246 17.12 -0.98 -32.43
C GLY B 246 16.33 0.26 -32.80
N GLN B 247 15.84 0.32 -34.03
CA GLN B 247 15.06 1.46 -34.48
C GLN B 247 13.59 1.22 -34.21
N THR B 248 12.92 2.22 -33.64
CA THR B 248 11.48 2.20 -33.41
C THR B 248 10.82 3.16 -34.37
N LYS B 249 9.84 2.66 -35.12
CA LYS B 249 9.10 3.47 -36.08
C LYS B 249 7.61 3.29 -35.85
N PHE B 250 6.84 4.36 -36.06
CA PHE B 250 5.38 4.32 -36.00
C PHE B 250 4.89 4.47 -37.43
N LEU B 251 4.55 3.34 -38.04
CA LEU B 251 4.23 3.26 -39.46
C LEU B 251 2.73 3.15 -39.70
N GLY B 252 2.36 3.18 -40.98
CA GLY B 252 0.96 3.10 -41.37
C GLY B 252 0.26 4.41 -41.09
N ASP B 253 -1.08 4.36 -41.05
CA ASP B 253 -1.85 5.57 -40.78
C ASP B 253 -1.71 5.80 -39.29
N ALA B 254 -0.81 6.71 -38.91
CA ALA B 254 -0.55 7.01 -37.52
C ALA B 254 -0.69 8.50 -37.29
N LEU B 255 -1.49 8.86 -36.30
CA LEU B 255 -1.62 10.27 -35.96
C LEU B 255 -0.39 10.77 -35.24
N TYR B 256 0.22 9.91 -34.42
CA TYR B 256 1.29 10.31 -33.54
C TYR B 256 2.60 9.65 -33.96
N LYS B 257 3.72 10.38 -33.77
CA LYS B 257 5.11 10.04 -33.95
C LYS B 257 5.75 9.70 -32.60
N PRO B 258 6.74 8.79 -32.56
CA PRO B 258 7.28 8.36 -31.26
C PRO B 258 7.64 9.48 -30.30
N GLU B 259 8.37 10.49 -30.75
CA GLU B 259 8.79 11.54 -29.84
C GLU B 259 7.63 12.44 -29.39
N GLU B 260 6.64 12.66 -30.25
CA GLU B 260 5.50 13.49 -29.83
C GLU B 260 4.85 12.92 -28.58
N LEU B 261 4.93 11.61 -28.40
CA LEU B 261 4.42 10.94 -27.20
C LEU B 261 5.46 10.77 -26.10
N GLN B 262 6.70 11.24 -26.30
CA GLN B 262 7.75 11.12 -25.28
C GLN B 262 8.06 9.65 -24.98
N ALA B 263 7.95 8.81 -26.01
CA ALA B 263 8.30 7.41 -25.91
C ALA B 263 9.80 7.18 -25.81
N LEU B 264 10.61 8.21 -25.97
CA LEU B 264 12.03 8.07 -25.74
C LEU B 264 12.38 8.28 -24.28
N LYS B 265 11.39 8.65 -23.46
CA LYS B 265 11.57 8.69 -22.02
C LYS B 265 11.36 7.32 -21.39
N ILE B 266 10.88 6.36 -22.17
CA ILE B 266 10.73 4.98 -21.73
C ILE B 266 11.91 4.12 -22.18
N TYR B 267 12.26 4.17 -23.47
CA TYR B 267 13.45 3.50 -23.95
C TYR B 267 13.97 4.21 -25.20
N LYS B 268 15.27 4.10 -25.43
CA LYS B 268 15.93 4.65 -26.60
C LYS B 268 16.68 3.53 -27.32
N ASP B 269 17.07 3.80 -28.57
CA ASP B 269 17.94 2.88 -29.30
C ASP B 269 19.18 2.56 -28.48
N GLY B 270 19.53 1.28 -28.43
CA GLY B 270 20.70 0.82 -27.71
C GLY B 270 20.44 0.36 -26.30
N ASP B 271 19.32 0.76 -25.70
CA ASP B 271 18.92 0.23 -24.40
C ASP B 271 18.71 -1.28 -24.49
N THR B 272 18.90 -1.97 -23.37
CA THR B 272 18.58 -3.39 -23.31
C THR B 272 17.10 -3.58 -23.58
N TYR B 273 16.77 -4.56 -24.43
CA TYR B 273 15.38 -4.82 -24.76
C TYR B 273 14.58 -5.12 -23.50
N SER B 274 13.32 -4.66 -23.49
CA SER B 274 12.45 -4.88 -22.34
C SER B 274 11.01 -4.96 -22.79
N GLN B 275 10.37 -6.12 -22.58
CA GLN B 275 8.96 -6.25 -22.91
C GLN B 275 8.12 -5.25 -22.13
N GLU B 276 8.50 -4.97 -20.88
CA GLU B 276 7.74 -4.03 -20.07
C GLU B 276 7.76 -2.64 -20.67
N LYS B 277 8.92 -2.21 -21.17
CA LYS B 277 9.02 -0.88 -21.78
C LYS B 277 8.23 -0.81 -23.09
N VAL B 278 8.25 -1.90 -23.87
CA VAL B 278 7.47 -1.95 -25.10
C VAL B 278 5.99 -1.82 -24.79
N ASN B 279 5.52 -2.53 -23.76
CA ASN B 279 4.12 -2.42 -23.38
C ASN B 279 3.78 -1.02 -22.87
N ALA B 280 4.73 -0.36 -22.20
CA ALA B 280 4.49 1.01 -21.75
C ALA B 280 4.31 1.97 -22.93
N VAL B 281 5.15 1.82 -23.96
CA VAL B 281 4.97 2.63 -25.16
C VAL B 281 3.63 2.32 -25.83
N LYS B 282 3.29 1.04 -25.93
CA LYS B 282 1.98 0.65 -26.43
C LYS B 282 0.87 1.41 -25.70
N GLN B 283 0.97 1.46 -24.38
CA GLN B 283 -0.06 2.12 -23.59
C GLN B 283 -0.04 3.63 -23.79
N LEU B 284 1.13 4.24 -24.03
CA LEU B 284 1.16 5.67 -24.37
C LEU B 284 0.42 5.94 -25.68
N LEU B 285 0.72 5.13 -26.71
CA LEU B 285 -0.01 5.28 -27.97
C LEU B 285 -1.51 5.14 -27.75
N LEU B 286 -1.91 4.12 -26.99
CA LEU B 286 -3.33 3.88 -26.79
C LEU B 286 -3.98 5.01 -26.00
N ARG B 287 -3.25 5.61 -25.05
CA ARG B 287 -3.81 6.73 -24.31
C ARG B 287 -4.00 7.94 -25.21
N LYS B 288 -3.03 8.21 -26.07
CA LYS B 288 -3.19 9.36 -26.95
C LYS B 288 -4.32 9.14 -27.95
N TYR B 289 -4.52 7.91 -28.41
CA TYR B 289 -5.67 7.63 -29.28
C TYR B 289 -6.99 7.68 -28.50
N GLY B 290 -6.97 7.30 -27.22
CA GLY B 290 -8.16 7.45 -26.41
C GLY B 290 -8.55 8.90 -26.20
N ASN B 291 -7.55 9.76 -25.96
CA ASN B 291 -7.83 11.19 -25.81
C ASN B 291 -8.40 11.79 -27.08
N ALA B 292 -8.07 11.20 -28.24
CA ALA B 292 -8.64 11.65 -29.51
C ALA B 292 -9.99 11.03 -29.81
N GLY B 293 -10.54 10.25 -28.88
CA GLY B 293 -11.85 9.67 -29.04
C GLY B 293 -11.91 8.26 -29.59
N TYR B 294 -10.77 7.58 -29.72
CA TYR B 294 -10.73 6.19 -30.21
C TYR B 294 -10.54 5.26 -29.02
N TYR B 295 -11.65 4.76 -28.48
CA TYR B 295 -11.63 3.95 -27.27
C TYR B 295 -11.38 2.48 -27.54
N PHE B 296 -11.44 2.04 -28.80
CA PHE B 296 -11.25 0.64 -29.16
C PHE B 296 -10.06 0.48 -30.11
N ALA B 297 -9.02 1.28 -29.91
CA ALA B 297 -7.83 1.15 -30.74
C ALA B 297 -6.97 -0.01 -30.23
N ASP B 298 -6.16 -0.56 -31.14
CA ASP B 298 -5.19 -1.57 -30.73
C ASP B 298 -3.91 -1.37 -31.53
N VAL B 299 -2.82 -1.88 -30.97
CA VAL B 299 -1.49 -1.72 -31.54
C VAL B 299 -0.94 -3.10 -31.87
N ASN B 300 -0.50 -3.30 -33.11
CA ASN B 300 0.27 -4.49 -33.44
C ASN B 300 1.71 -4.09 -33.71
N ILE B 301 2.63 -4.92 -33.23
CA ILE B 301 4.06 -4.65 -33.33
C ILE B 301 4.70 -5.72 -34.19
N VAL B 302 5.37 -5.30 -35.24
CA VAL B 302 6.14 -6.19 -36.11
C VAL B 302 7.60 -6.06 -35.69
N PRO B 303 8.21 -7.09 -35.10
CA PRO B 303 9.63 -7.03 -34.75
C PRO B 303 10.54 -7.56 -35.85
N GLN B 304 11.76 -7.03 -35.84
CA GLN B 304 12.88 -7.45 -36.68
C GLN B 304 14.01 -7.85 -35.73
N ILE B 305 14.18 -9.16 -35.53
CA ILE B 305 15.15 -9.68 -34.58
C ILE B 305 16.38 -10.09 -35.36
N ASN B 306 17.48 -9.37 -35.16
CA ASN B 306 18.77 -9.70 -35.76
C ASN B 306 19.59 -10.42 -34.71
N ASN B 307 19.74 -11.74 -34.89
CA ASN B 307 20.49 -12.57 -33.98
C ASN B 307 21.99 -12.39 -34.11
N GLU B 308 22.47 -11.87 -35.24
CA GLU B 308 23.91 -11.70 -35.40
C GLU B 308 24.39 -10.47 -34.65
N THR B 309 23.69 -9.36 -34.81
CA THR B 309 23.99 -8.14 -34.06
C THR B 309 23.27 -8.06 -32.73
N GLY B 310 22.32 -8.95 -32.46
CA GLY B 310 21.61 -8.93 -31.18
C GLY B 310 20.76 -7.69 -31.01
N VAL B 311 20.05 -7.28 -32.06
CA VAL B 311 19.31 -6.03 -32.04
C VAL B 311 17.87 -6.29 -32.49
N VAL B 312 16.91 -5.61 -31.86
CA VAL B 312 15.50 -5.78 -32.19
C VAL B 312 14.96 -4.44 -32.67
N ASP B 313 14.58 -4.37 -33.93
CA ASP B 313 13.82 -3.24 -34.43
C ASP B 313 12.34 -3.50 -34.21
N LEU B 314 11.58 -2.42 -33.99
CA LEU B 314 10.16 -2.52 -33.72
C LEU B 314 9.39 -1.55 -34.62
N ASN B 315 8.38 -2.07 -35.31
CA ASN B 315 7.46 -1.24 -36.10
C ASN B 315 6.09 -1.33 -35.43
N TYR B 316 5.63 -0.21 -34.87
CA TYR B 316 4.32 -0.12 -34.25
C TYR B 316 3.29 0.35 -35.27
N TYR B 317 2.19 -0.40 -35.39
CA TYR B 317 1.06 0.00 -36.22
C TYR B 317 -0.17 0.12 -35.33
N VAL B 318 -0.95 1.18 -35.56
CA VAL B 318 -2.16 1.44 -34.79
C VAL B 318 -3.37 1.16 -35.69
N ASN B 319 -4.30 0.34 -35.17
CA ASN B 319 -5.61 0.10 -35.74
C ASN B 319 -6.59 0.89 -34.88
N PRO B 320 -7.00 2.09 -35.31
CA PRO B 320 -7.68 3.02 -34.38
C PRO B 320 -9.11 2.64 -34.04
N GLY B 321 -9.82 1.98 -34.94
CA GLY B 321 -11.23 1.75 -34.72
C GLY B 321 -12.05 3.01 -35.00
N GLN B 322 -13.32 2.93 -34.62
CA GLN B 322 -14.25 4.02 -34.88
C GLN B 322 -14.03 5.17 -33.88
N GLN B 323 -14.13 6.38 -34.39
CA GLN B 323 -14.07 7.55 -33.52
C GLN B 323 -15.43 7.70 -32.85
N VAL B 324 -15.41 8.16 -31.59
CA VAL B 324 -16.63 8.11 -30.78
C VAL B 324 -17.73 9.01 -31.33
N THR B 325 -17.38 10.10 -32.00
CA THR B 325 -18.42 10.99 -32.51
C THR B 325 -19.11 10.43 -33.75
N VAL B 326 -18.57 9.35 -34.33
CA VAL B 326 -19.22 8.73 -35.47
C VAL B 326 -20.38 7.84 -35.03
N ARG B 327 -20.27 7.18 -33.88
CA ARG B 327 -21.30 6.28 -33.40
C ARG B 327 -22.29 6.94 -32.46
N ARG B 328 -22.02 8.16 -32.01
CA ARG B 328 -22.97 8.88 -31.16
C ARG B 328 -24.22 9.26 -31.95
#